data_1T0T
#
_entry.id   1T0T
#
_cell.length_a   202.839
_cell.length_b   202.839
_cell.length_c   202.839
_cell.angle_alpha   90.00
_cell.angle_beta   90.00
_cell.angle_gamma   90.00
#
_symmetry.space_group_name_H-M   'I 2 3'
#
loop_
_entity.id
_entity.type
_entity.pdbx_description
1 polymer APC35880
2 non-polymer 'MAGNESIUM ION'
3 non-polymer 3,6,9,12,15,18-HEXAOXAICOSANE-1,20-DIOL
4 water water
#
_entity_poly.entity_id   1
_entity_poly.type   'polypeptide(L)'
_entity_poly.pdbx_seq_one_letter_code
;MSEAAQTLDGWYCLHDFRTIDWSAWKTLPNEEREAAISEFLALVDQWETTESEKQGSHAVYTIVGQKADILFMILRPTLD
ELHEIETALNKTKLADYLLPAYSYVSVVELSNYLASGSEDPYQIPEVRRRLYPILPKTNYICFYPMDKRRQGNDNWYMLS
MEQRRELMRAHGMTGRKYAGKVTQIITGSVGLDDFEWGVTLFSDDALQFKKLVYEMRFDEVSARFGEFGSFFVGTRLPME
NVSSFFHV
;
_entity_poly.pdbx_strand_id   V,W,X,Y,Z
#
loop_
_chem_comp.id
_chem_comp.type
_chem_comp.name
_chem_comp.formula
MG non-polymer 'MAGNESIUM ION' 'Mg 2'
P33 non-polymer 3,6,9,12,15,18-HEXAOXAICOSANE-1,20-DIOL 'C14 H30 O8'
#
# COMPACT_ATOMS: atom_id res chain seq x y z
N GLN A 6 11.95 9.89 31.74
CA GLN A 6 11.32 9.14 32.87
C GLN A 6 11.53 7.64 32.72
N THR A 7 11.68 7.13 31.48
CA THR A 7 11.60 5.68 31.30
C THR A 7 12.98 5.06 31.52
N LEU A 8 13.00 3.82 32.03
CA LEU A 8 14.20 3.01 32.08
C LEU A 8 14.16 2.08 30.88
N ASP A 9 15.29 1.96 30.22
CA ASP A 9 15.39 1.06 29.09
C ASP A 9 16.15 -0.19 29.40
N GLY A 10 15.62 -1.30 28.89
CA GLY A 10 16.22 -2.58 29.03
C GLY A 10 16.78 -3.18 27.75
N TRP A 11 16.60 -4.48 27.61
CA TRP A 11 17.07 -5.17 26.43
C TRP A 11 16.40 -4.63 25.16
N TYR A 12 17.19 -4.64 24.08
CA TYR A 12 16.64 -4.41 22.75
C TYR A 12 15.83 -5.63 22.32
N CYS A 13 14.91 -5.40 21.40
CA CYS A 13 13.93 -6.43 20.97
C CYS A 13 13.71 -6.42 19.48
N LEU A 14 13.98 -7.55 18.85
CA LEU A 14 13.56 -7.80 17.47
C LEU A 14 12.36 -8.76 17.45
N HIS A 15 11.29 -8.34 16.76
CA HIS A 15 10.25 -9.28 16.33
C HIS A 15 10.49 -9.54 14.87
N ASP A 16 10.79 -10.77 14.54
CA ASP A 16 11.07 -11.17 13.18
C ASP A 16 10.05 -12.18 12.67
N PHE A 17 9.14 -11.73 11.81
CA PHE A 17 8.07 -12.63 11.27
C PHE A 17 8.40 -13.07 9.90
N ARG A 18 8.15 -14.34 9.60
CA ARG A 18 8.49 -14.88 8.28
C ARG A 18 7.25 -15.67 7.75
N THR A 19 7.22 -15.83 6.42
CA THR A 19 6.28 -16.68 5.73
C THR A 19 7.06 -17.86 5.13
N ILE A 20 6.50 -19.07 5.21
CA ILE A 20 7.24 -20.23 4.77
C ILE A 20 6.94 -20.46 3.29
N ASP A 21 8.01 -20.62 2.53
CA ASP A 21 7.89 -20.95 1.12
C ASP A 21 7.85 -22.46 0.95
N TRP A 22 6.67 -23.01 1.18
CA TRP A 22 6.49 -24.45 1.23
C TRP A 22 6.81 -25.07 -0.12
N SER A 23 6.47 -24.39 -1.22
CA SER A 23 6.71 -24.99 -2.54
C SER A 23 8.23 -25.25 -2.73
N ALA A 24 9.03 -24.25 -2.38
CA ALA A 24 10.46 -24.36 -2.59
C ALA A 24 11.11 -25.37 -1.64
N TRP A 25 10.64 -25.38 -0.40
CA TRP A 25 11.10 -26.30 0.60
C TRP A 25 10.86 -27.74 0.17
N LYS A 26 9.69 -28.03 -0.37
CA LYS A 26 9.39 -29.38 -0.85
C LYS A 26 10.32 -29.81 -1.98
N THR A 27 10.93 -28.88 -2.71
CA THR A 27 11.83 -29.33 -3.80
C THR A 27 13.23 -29.64 -3.31
N LEU A 28 13.56 -29.24 -2.10
CA LEU A 28 14.92 -29.46 -1.56
C LEU A 28 14.97 -30.92 -1.20
N PRO A 29 16.02 -31.65 -1.57
CA PRO A 29 16.12 -33.05 -1.20
C PRO A 29 15.96 -33.26 0.30
N ASN A 30 15.47 -34.44 0.64
CA ASN A 30 15.12 -34.77 2.01
C ASN A 30 16.27 -34.64 3.02
N GLU A 31 17.45 -35.03 2.57
CA GLU A 31 18.66 -34.97 3.36
C GLU A 31 19.10 -33.56 3.62
N GLU A 32 18.82 -32.67 2.67
CA GLU A 32 19.17 -31.28 2.85
C GLU A 32 18.15 -30.59 3.76
N ARG A 33 16.89 -30.98 3.66
CA ARG A 33 15.91 -30.54 4.64
C ARG A 33 16.25 -30.98 6.04
N GLU A 34 16.67 -32.22 6.20
CA GLU A 34 17.01 -32.70 7.53
C GLU A 34 18.19 -31.95 8.11
N ALA A 35 19.12 -31.62 7.25
CA ALA A 35 20.32 -30.92 7.69
C ALA A 35 19.98 -29.49 8.08
N ALA A 36 19.09 -28.87 7.31
CA ALA A 36 18.64 -27.54 7.59
C ALA A 36 17.89 -27.43 8.88
N ILE A 37 17.07 -28.43 9.17
CA ILE A 37 16.37 -28.46 10.47
C ILE A 37 17.34 -28.63 11.64
N SER A 38 18.28 -29.57 11.51
CA SER A 38 19.36 -29.67 12.50
C SER A 38 20.16 -28.40 12.72
N GLU A 39 20.58 -27.78 11.64
CA GLU A 39 21.23 -26.48 11.70
C GLU A 39 20.44 -25.41 12.43
N PHE A 40 19.12 -25.31 12.15
CA PHE A 40 18.26 -24.36 12.86
C PHE A 40 18.15 -24.70 14.32
N LEU A 41 17.97 -25.97 14.60
CA LEU A 41 17.87 -26.39 15.98
C LEU A 41 19.14 -26.12 16.74
N ALA A 42 20.27 -26.25 16.07
CA ALA A 42 21.56 -25.93 16.69
C ALA A 42 21.67 -24.42 16.93
N LEU A 43 21.16 -23.62 16.01
CA LEU A 43 21.10 -22.20 16.30
C LEU A 43 20.29 -21.85 17.52
N VAL A 44 19.06 -22.32 17.61
CA VAL A 44 18.24 -21.99 18.75
C VAL A 44 18.83 -22.53 20.08
N ASP A 45 19.57 -23.61 19.99
CA ASP A 45 20.29 -24.09 21.17
C ASP A 45 21.28 -23.06 21.70
N GLN A 46 21.95 -22.31 20.80
CA GLN A 46 22.78 -21.19 21.22
C GLN A 46 21.94 -20.12 21.89
N TRP A 47 20.74 -19.83 21.35
CA TRP A 47 19.88 -18.86 21.97
C TRP A 47 19.44 -19.30 23.37
N GLU A 48 19.16 -20.60 23.52
CA GLU A 48 18.79 -21.16 24.79
C GLU A 48 19.90 -21.06 25.83
N THR A 49 21.12 -21.30 25.39
CA THR A 49 22.28 -21.08 26.24
C THR A 49 22.40 -19.65 26.71
N THR A 50 22.31 -18.71 25.77
CA THR A 50 22.33 -17.31 26.16
C THR A 50 21.25 -16.92 27.19
N GLU A 51 20.04 -17.40 27.00
CA GLU A 51 18.94 -17.09 27.90
C GLU A 51 19.30 -17.64 29.30
N SER A 52 19.82 -18.86 29.30
CA SER A 52 20.21 -19.53 30.55
C SER A 52 21.37 -18.84 31.25
N GLU A 53 22.19 -18.13 30.49
CA GLU A 53 23.22 -17.28 31.07
C GLU A 53 22.72 -15.90 31.44
N LYS A 54 21.42 -15.66 31.23
CA LYS A 54 20.80 -14.37 31.51
C LYS A 54 21.32 -13.23 30.66
N GLN A 55 21.69 -13.53 29.44
CA GLN A 55 22.26 -12.53 28.56
C GLN A 55 21.30 -12.26 27.37
N GLY A 56 20.09 -12.77 27.46
CA GLY A 56 19.13 -12.49 26.41
C GLY A 56 17.89 -13.35 26.67
N SER A 57 16.95 -13.31 25.75
CA SER A 57 15.81 -14.21 25.85
C SER A 57 15.20 -14.30 24.44
N HIS A 58 14.37 -15.30 24.20
CA HIS A 58 13.76 -15.49 22.90
C HIS A 58 12.46 -16.25 23.03
N ALA A 59 11.67 -16.18 21.99
CA ALA A 59 10.39 -16.92 21.92
C ALA A 59 10.16 -17.23 20.46
N VAL A 60 9.58 -18.40 20.23
CA VAL A 60 9.30 -18.89 18.86
C VAL A 60 7.84 -19.40 18.83
N TYR A 61 7.04 -18.78 17.99
CA TYR A 61 5.59 -19.01 17.87
C TYR A 61 5.23 -19.15 16.38
N THR A 62 4.31 -20.05 16.08
CA THR A 62 3.73 -20.09 14.73
C THR A 62 2.57 -19.14 14.69
N ILE A 63 2.47 -18.39 13.61
CA ILE A 63 1.46 -17.37 13.46
C ILE A 63 0.34 -17.84 12.54
N VAL A 64 -0.89 -17.60 12.97
CA VAL A 64 -2.06 -18.06 12.21
C VAL A 64 -2.47 -16.99 11.16
N GLY A 65 -2.83 -17.44 9.96
CA GLY A 65 -3.21 -16.50 8.90
C GLY A 65 -2.06 -16.25 7.96
N GLN A 66 -2.26 -15.34 7.02
CA GLN A 66 -1.31 -15.10 5.98
C GLN A 66 -0.37 -13.95 6.32
N LYS A 67 -0.54 -13.25 7.44
CA LYS A 67 0.38 -12.14 7.73
C LYS A 67 1.77 -12.70 7.96
N ALA A 68 1.84 -13.89 8.54
CA ALA A 68 3.11 -14.60 8.75
C ALA A 68 2.84 -16.05 9.05
N ASP A 69 3.90 -16.87 9.10
CA ASP A 69 3.82 -18.23 9.60
C ASP A 69 4.56 -18.48 10.91
N ILE A 70 5.62 -17.70 11.15
CA ILE A 70 6.51 -17.95 12.29
C ILE A 70 7.08 -16.64 12.75
N LEU A 71 7.15 -16.50 14.08
CA LEU A 71 7.73 -15.32 14.74
C LEU A 71 8.90 -15.80 15.60
N PHE A 72 10.05 -15.14 15.43
CA PHE A 72 11.20 -15.21 16.34
C PHE A 72 11.27 -13.87 17.06
N MET A 73 10.98 -13.87 18.35
CA MET A 73 11.08 -12.66 19.14
C MET A 73 12.34 -12.79 19.98
N ILE A 74 13.26 -11.83 19.79
CA ILE A 74 14.63 -11.87 20.35
C ILE A 74 14.94 -10.69 21.21
N LEU A 75 15.36 -10.91 22.47
CA LEU A 75 15.90 -9.84 23.31
C LEU A 75 17.40 -10.02 23.53
N ARG A 76 18.13 -8.95 23.29
CA ARG A 76 19.58 -8.90 23.52
C ARG A 76 19.99 -7.54 24.11
N PRO A 77 21.18 -7.49 24.71
CA PRO A 77 21.64 -6.28 25.41
C PRO A 77 22.00 -5.10 24.45
N THR A 78 22.32 -5.40 23.18
CA THR A 78 22.70 -4.37 22.23
C THR A 78 21.94 -4.52 20.92
N LEU A 79 21.88 -3.42 20.18
CA LEU A 79 21.35 -3.46 18.81
C LEU A 79 22.27 -4.26 17.94
N ASP A 80 23.57 -4.27 18.24
CA ASP A 80 24.51 -5.02 17.43
C ASP A 80 24.22 -6.50 17.48
N GLU A 81 23.91 -6.98 18.67
CA GLU A 81 23.51 -8.35 18.86
C GLU A 81 22.23 -8.77 18.14
N LEU A 82 21.24 -7.89 18.06
CA LEU A 82 20.09 -8.11 17.20
C LEU A 82 20.51 -8.29 15.73
N HIS A 83 21.36 -7.40 15.25
CA HIS A 83 21.95 -7.53 13.91
C HIS A 83 22.65 -8.86 13.71
N GLU A 84 23.47 -9.28 14.68
CA GLU A 84 24.18 -10.54 14.57
C GLU A 84 23.23 -11.75 14.49
N ILE A 85 22.22 -11.77 15.36
CA ILE A 85 21.29 -12.87 15.41
C ILE A 85 20.52 -12.94 14.07
N GLU A 86 20.06 -11.79 13.59
CA GLU A 86 19.34 -11.75 12.33
C GLU A 86 20.18 -12.28 11.20
N THR A 87 21.43 -11.83 11.12
CA THR A 87 22.37 -12.26 10.13
C THR A 87 22.66 -13.75 10.18
N ALA A 88 22.95 -14.26 11.37
CA ALA A 88 23.15 -15.68 11.55
C ALA A 88 21.94 -16.53 11.18
N LEU A 89 20.76 -16.02 11.49
CA LEU A 89 19.54 -16.71 11.05
C LEU A 89 19.45 -16.75 9.53
N ASN A 90 19.65 -15.62 8.88
CA ASN A 90 19.55 -15.52 7.43
C ASN A 90 20.61 -16.35 6.71
N LYS A 91 21.72 -16.62 7.39
CA LYS A 91 22.76 -17.43 6.75
C LYS A 91 22.53 -18.97 6.88
N THR A 92 21.54 -19.40 7.70
CA THR A 92 21.09 -20.80 7.72
C THR A 92 20.39 -21.15 6.41
N LYS A 93 20.39 -22.44 6.12
CA LYS A 93 19.72 -22.93 4.94
C LYS A 93 18.21 -22.74 5.08
N LEU A 94 17.64 -23.02 6.25
CA LEU A 94 16.22 -22.93 6.46
C LEU A 94 15.70 -21.54 6.13
N ALA A 95 16.50 -20.52 6.44
CA ALA A 95 16.05 -19.14 6.31
C ALA A 95 15.85 -18.74 4.85
N ASP A 96 16.44 -19.47 3.92
CA ASP A 96 16.15 -19.22 2.50
C ASP A 96 14.67 -19.42 2.16
N TYR A 97 14.01 -20.22 2.98
CA TYR A 97 12.59 -20.54 2.83
C TYR A 97 11.69 -19.78 3.80
N LEU A 98 12.30 -18.92 4.60
CA LEU A 98 11.62 -18.09 5.52
C LEU A 98 11.64 -16.67 4.96
N LEU A 99 10.64 -16.38 4.15
CA LEU A 99 10.53 -15.14 3.43
C LEU A 99 10.04 -13.98 4.33
N PRO A 100 10.31 -12.75 3.90
CA PRO A 100 9.93 -11.59 4.69
C PRO A 100 8.43 -11.52 4.89
N ALA A 101 8.00 -11.07 6.07
CA ALA A 101 6.59 -10.88 6.37
C ALA A 101 6.34 -9.58 7.14
N TYR A 102 7.06 -9.41 8.25
CA TYR A 102 7.00 -8.19 9.04
C TYR A 102 8.13 -8.26 10.04
N SER A 103 8.49 -7.09 10.56
CA SER A 103 9.53 -6.98 11.59
C SER A 103 9.30 -5.77 12.46
N TYR A 104 9.88 -5.81 13.67
CA TYR A 104 9.74 -4.69 14.58
C TYR A 104 11.02 -4.65 15.39
N VAL A 105 11.56 -3.44 15.52
CA VAL A 105 12.75 -3.16 16.34
C VAL A 105 12.42 -2.14 17.46
N SER A 106 12.71 -2.54 18.69
CA SER A 106 12.28 -1.75 19.85
C SER A 106 13.20 -2.04 21.04
N VAL A 107 12.87 -1.42 22.17
CA VAL A 107 13.62 -1.63 23.42
C VAL A 107 12.68 -1.74 24.64
N VAL A 108 12.89 -2.77 25.45
CA VAL A 108 12.07 -2.94 26.65
C VAL A 108 12.11 -1.67 27.47
N GLU A 109 10.94 -1.14 27.80
CA GLU A 109 10.85 0.16 28.43
C GLU A 109 9.94 0.10 29.65
N LEU A 110 10.37 0.69 30.75
CA LEU A 110 9.64 0.61 32.03
C LEU A 110 9.38 2.03 32.46
N SER A 111 8.12 2.40 32.66
CA SER A 111 7.81 3.68 33.28
C SER A 111 7.48 3.51 34.77
N ASN A 112 6.81 2.41 35.13
CA ASN A 112 6.27 2.23 36.49
C ASN A 112 7.28 1.52 37.39
N TYR A 113 7.92 2.24 38.30
CA TYR A 113 8.79 1.60 39.30
C TYR A 113 8.93 2.52 40.51
N LEU A 114 9.18 1.96 41.68
CA LEU A 114 9.30 2.83 42.87
C LEU A 114 10.69 3.48 42.92
N ALA A 115 10.72 4.79 42.67
CA ALA A 115 11.98 5.55 42.56
C ALA A 115 12.32 6.18 43.91
N SER A 116 13.48 5.87 44.44
CA SER A 116 13.85 6.39 45.76
C SER A 116 14.84 7.53 45.58
N GLY A 117 15.69 7.34 44.59
CA GLY A 117 16.86 8.21 44.44
C GLY A 117 18.09 7.57 45.01
N SER A 118 17.94 6.62 45.92
CA SER A 118 19.14 6.19 46.69
C SER A 118 19.83 4.95 46.17
N GLU A 119 19.36 4.45 45.04
CA GLU A 119 19.87 3.21 44.44
C GLU A 119 19.92 3.43 42.94
N ASP A 120 20.82 2.71 42.28
CA ASP A 120 20.83 2.67 40.83
C ASP A 120 19.75 1.63 40.45
N PRO A 121 18.63 2.06 39.84
CA PRO A 121 17.56 1.08 39.63
C PRO A 121 18.00 -0.03 38.72
N TYR A 122 19.01 0.21 37.87
CA TYR A 122 19.48 -0.82 36.95
C TYR A 122 20.10 -1.98 37.70
N GLN A 123 20.40 -1.76 38.99
CA GLN A 123 21.02 -2.78 39.83
C GLN A 123 20.01 -3.45 40.80
N ILE A 124 18.76 -3.01 40.79
CA ILE A 124 17.73 -3.54 41.71
C ILE A 124 17.02 -4.77 41.11
N PRO A 125 17.04 -5.89 41.83
CA PRO A 125 16.44 -7.15 41.39
C PRO A 125 15.08 -7.03 40.74
N GLU A 126 14.18 -6.29 41.39
CA GLU A 126 12.79 -6.26 40.98
C GLU A 126 12.63 -5.42 39.72
N VAL A 127 13.54 -4.47 39.53
CA VAL A 127 13.57 -3.73 38.29
C VAL A 127 14.27 -4.50 37.20
N ARG A 128 15.46 -5.04 37.49
CA ARG A 128 16.21 -5.84 36.51
C ARG A 128 15.30 -6.94 35.94
N ARG A 129 14.46 -7.51 36.78
CA ARG A 129 13.59 -8.64 36.37
C ARG A 129 12.73 -8.24 35.17
N ARG A 130 12.37 -6.97 35.12
CA ARG A 130 11.48 -6.48 34.08
C ARG A 130 12.23 -5.84 32.87
N LEU A 131 13.38 -5.24 33.14
CA LEU A 131 14.22 -4.72 32.07
C LEU A 131 14.78 -5.83 31.22
N TYR A 132 15.10 -6.96 31.85
CA TYR A 132 15.85 -8.00 31.23
C TYR A 132 15.08 -9.31 31.39
N PRO A 133 13.87 -9.34 30.85
CA PRO A 133 12.90 -10.41 31.19
C PRO A 133 13.17 -11.73 30.47
N ILE A 134 12.90 -12.87 31.14
CA ILE A 134 12.79 -14.11 30.45
C ILE A 134 11.36 -14.15 29.87
N LEU A 135 11.26 -14.29 28.57
CA LEU A 135 9.96 -14.29 27.95
C LEU A 135 9.16 -15.51 28.42
N PRO A 136 7.84 -15.31 28.63
CA PRO A 136 6.92 -16.36 29.10
C PRO A 136 6.80 -17.53 28.11
N LYS A 137 6.69 -18.76 28.58
CA LYS A 137 6.53 -19.88 27.68
C LYS A 137 5.02 -20.30 27.59
N THR A 138 4.17 -19.34 27.24
CA THR A 138 2.73 -19.54 27.22
C THR A 138 2.28 -20.18 25.94
N ASN A 139 1.06 -20.73 25.97
CA ASN A 139 0.52 -21.42 24.81
C ASN A 139 0.37 -20.48 23.62
N TYR A 140 0.12 -19.20 23.89
CA TYR A 140 -0.21 -18.23 22.83
C TYR A 140 0.56 -16.93 23.00
N ILE A 141 0.65 -16.21 21.89
CA ILE A 141 1.24 -14.87 21.85
C ILE A 141 0.43 -13.98 20.92
N CYS A 142 0.47 -12.68 21.19
CA CYS A 142 -0.20 -11.66 20.39
C CYS A 142 0.77 -10.49 20.31
N PHE A 143 1.00 -9.97 19.11
CA PHE A 143 1.79 -8.79 18.93
C PHE A 143 1.03 -7.72 18.15
N TYR A 144 1.13 -6.48 18.58
CA TYR A 144 0.75 -5.32 17.75
C TYR A 144 1.55 -4.08 18.16
N PRO A 145 1.77 -3.18 17.20
CA PRO A 145 2.38 -1.87 17.50
C PRO A 145 1.30 -0.83 17.70
N MET A 146 1.66 0.27 18.36
CA MET A 146 0.74 1.37 18.50
C MET A 146 1.44 2.73 18.53
N ASP A 147 0.67 3.74 18.16
CA ASP A 147 0.99 5.11 18.40
C ASP A 147 0.01 5.70 19.41
N LYS A 148 0.38 6.84 20.00
CA LYS A 148 -0.58 7.72 20.66
C LYS A 148 -0.94 8.81 19.69
N ARG A 149 -2.24 9.00 19.54
CA ARG A 149 -2.77 9.89 18.54
C ARG A 149 -2.35 11.36 18.70
N ARG A 150 -2.20 12.04 17.56
CA ARG A 150 -1.90 13.46 17.46
C ARG A 150 -2.75 14.15 16.40
N GLN A 151 -4.06 14.22 16.62
CA GLN A 151 -5.00 14.59 15.58
C GLN A 151 -6.02 15.49 16.24
N GLY A 152 -6.14 16.69 15.72
CA GLY A 152 -7.20 17.59 16.16
C GLY A 152 -7.15 17.74 17.66
N ASN A 153 -8.31 17.54 18.29
CA ASN A 153 -8.46 17.69 19.72
C ASN A 153 -8.08 16.43 20.46
N ASP A 154 -7.67 15.40 19.74
CA ASP A 154 -7.17 14.17 20.39
C ASP A 154 -5.67 14.10 20.18
N ASN A 155 -4.93 15.02 20.81
CA ASN A 155 -3.48 15.06 20.68
C ASN A 155 -2.80 14.78 21.99
N TRP A 156 -2.32 13.56 22.13
CA TRP A 156 -1.75 13.06 23.40
C TRP A 156 -0.63 13.91 23.91
N TYR A 157 0.19 14.40 22.98
CA TYR A 157 1.42 15.05 23.35
C TYR A 157 1.19 16.54 23.62
N MET A 158 -0.02 17.03 23.38
CA MET A 158 -0.39 18.40 23.72
C MET A 158 -1.11 18.45 25.08
N LEU A 159 -1.37 17.30 25.69
CA LEU A 159 -1.96 17.25 27.04
C LEU A 159 -0.95 17.69 28.08
N SER A 160 -1.44 18.00 29.27
CA SER A 160 -0.54 18.18 30.40
C SER A 160 -0.07 16.83 30.90
N MET A 161 1.01 16.84 31.69
CA MET A 161 1.51 15.63 32.31
C MET A 161 0.46 15.01 33.24
N GLU A 162 -0.32 15.87 33.90
CA GLU A 162 -1.28 15.38 34.86
C GLU A 162 -2.46 14.74 34.16
N GLN A 163 -2.87 15.33 33.04
CA GLN A 163 -3.92 14.77 32.16
C GLN A 163 -3.53 13.40 31.63
N ARG A 164 -2.32 13.29 31.09
CA ARG A 164 -1.80 12.01 30.74
C ARG A 164 -1.76 11.04 31.91
N ARG A 165 -1.31 11.51 33.06
CA ARG A 165 -1.27 10.67 34.24
C ARG A 165 -2.62 10.08 34.60
N GLU A 166 -3.66 10.91 34.59
CA GLU A 166 -4.99 10.48 34.97
C GLU A 166 -5.61 9.58 33.91
N LEU A 167 -5.27 9.80 32.65
CA LEU A 167 -5.68 8.86 31.59
C LEU A 167 -5.03 7.47 31.72
N MET A 168 -3.74 7.43 32.04
CA MET A 168 -3.06 6.17 32.14
C MET A 168 -3.50 5.37 33.34
N ARG A 169 -4.15 6.05 34.28
CA ARG A 169 -4.58 5.39 35.51
C ARG A 169 -5.66 4.38 35.22
N ALA A 170 -6.63 4.79 34.41
CA ALA A 170 -7.69 3.93 33.96
C ALA A 170 -7.15 2.73 33.22
N HIS A 171 -6.20 3.00 32.34
CA HIS A 171 -5.53 1.94 31.57
C HIS A 171 -4.90 0.90 32.51
N GLY A 172 -4.25 1.38 33.55
CA GLY A 172 -3.60 0.48 34.49
C GLY A 172 -4.61 -0.38 35.18
N MET A 173 -5.74 0.23 35.53
CA MET A 173 -6.79 -0.45 36.28
C MET A 173 -7.44 -1.56 35.45
N THR A 174 -7.58 -1.34 34.13
CA THR A 174 -8.07 -2.42 33.27
C THR A 174 -7.05 -3.55 33.22
N GLY A 175 -5.78 -3.23 33.11
CA GLY A 175 -4.81 -4.28 33.13
C GLY A 175 -4.84 -5.12 34.40
N ARG A 176 -4.98 -4.47 35.55
CA ARG A 176 -4.96 -5.23 36.82
C ARG A 176 -6.03 -6.33 36.86
N LYS A 177 -7.07 -6.16 36.05
CA LYS A 177 -8.13 -7.15 35.96
C LYS A 177 -7.65 -8.47 35.34
N TYR A 178 -6.50 -8.44 34.66
CA TYR A 178 -6.01 -9.60 33.95
C TYR A 178 -4.77 -10.17 34.60
N ALA A 179 -4.54 -9.76 35.86
CA ALA A 179 -3.40 -10.30 36.62
C ALA A 179 -3.48 -11.80 36.60
N GLY A 180 -2.40 -12.45 36.22
CA GLY A 180 -2.32 -13.89 36.17
C GLY A 180 -2.92 -14.55 34.95
N LYS A 181 -3.62 -13.77 34.13
CA LYS A 181 -4.23 -14.28 32.89
C LYS A 181 -3.38 -13.95 31.67
N VAL A 182 -2.84 -12.74 31.70
CA VAL A 182 -2.06 -12.21 30.57
C VAL A 182 -0.85 -11.51 31.15
N THR A 183 0.29 -11.66 30.50
CA THR A 183 1.38 -10.75 30.74
C THR A 183 1.70 -9.99 29.46
N GLN A 184 2.16 -8.76 29.66
CA GLN A 184 2.38 -7.80 28.58
C GLN A 184 3.81 -7.29 28.67
N ILE A 185 4.56 -7.46 27.57
CA ILE A 185 5.88 -6.83 27.40
C ILE A 185 5.71 -5.60 26.54
N ILE A 186 6.01 -4.43 27.12
CA ILE A 186 5.95 -3.15 26.39
C ILE A 186 7.35 -2.77 25.97
N THR A 187 7.52 -2.54 24.66
CA THR A 187 8.79 -2.04 24.17
C THR A 187 8.54 -0.70 23.50
N GLY A 188 9.46 0.22 23.69
CA GLY A 188 9.40 1.53 23.06
C GLY A 188 10.20 1.62 21.79
N SER A 189 9.61 2.24 20.77
CA SER A 189 10.20 2.22 19.42
C SER A 189 10.22 3.61 18.78
N VAL A 190 9.90 4.66 19.55
CA VAL A 190 10.07 6.02 19.06
C VAL A 190 11.51 6.21 18.65
N GLY A 191 11.72 6.64 17.41
CA GLY A 191 13.10 6.75 16.92
C GLY A 191 13.75 5.49 16.41
N LEU A 192 13.06 4.33 16.49
CA LEU A 192 13.65 3.05 16.22
C LEU A 192 12.86 2.28 15.15
N ASP A 193 11.55 2.51 15.10
CA ASP A 193 10.70 1.88 14.10
C ASP A 193 9.50 2.77 13.81
N ASP A 194 8.50 2.22 13.13
CA ASP A 194 7.47 3.03 12.46
C ASP A 194 6.38 3.52 13.37
N PHE A 195 6.12 2.76 14.43
CA PHE A 195 5.16 3.16 15.47
C PHE A 195 5.92 3.57 16.75
N GLU A 196 5.19 3.88 17.81
CA GLU A 196 5.83 4.35 19.05
C GLU A 196 6.09 3.31 20.11
N TRP A 197 5.24 2.29 20.22
CA TRP A 197 5.46 1.12 21.13
C TRP A 197 5.09 -0.16 20.45
N GLY A 198 5.79 -1.22 20.82
CA GLY A 198 5.36 -2.57 20.62
C GLY A 198 4.66 -3.12 21.85
N VAL A 199 3.60 -3.87 21.58
CA VAL A 199 2.87 -4.55 22.64
C VAL A 199 2.83 -6.04 22.37
N THR A 200 3.49 -6.81 23.23
CA THR A 200 3.50 -8.27 23.10
C THR A 200 2.73 -8.83 24.32
N LEU A 201 1.74 -9.66 24.03
CA LEU A 201 0.94 -10.32 25.09
C LEU A 201 1.12 -11.83 25.05
N PHE A 202 1.23 -12.43 26.24
CA PHE A 202 1.46 -13.84 26.42
C PHE A 202 0.33 -14.36 27.31
N SER A 203 -0.32 -15.41 26.84
CA SER A 203 -1.37 -16.04 27.64
C SER A 203 -1.48 -17.51 27.28
N ASP A 204 -1.99 -18.28 28.23
CA ASP A 204 -2.35 -19.63 27.92
C ASP A 204 -3.76 -19.81 27.43
N ASP A 205 -4.48 -18.70 27.26
CA ASP A 205 -5.85 -18.68 26.67
C ASP A 205 -5.96 -17.52 25.71
N ALA A 206 -5.95 -17.83 24.41
CA ALA A 206 -5.98 -16.76 23.40
C ALA A 206 -7.18 -15.86 23.48
N LEU A 207 -8.26 -16.36 24.03
CA LEU A 207 -9.40 -15.50 24.15
C LEU A 207 -9.13 -14.30 25.05
N GLN A 208 -8.20 -14.42 26.02
CA GLN A 208 -7.87 -13.30 26.90
C GLN A 208 -7.26 -12.11 26.14
N PHE A 209 -6.61 -12.38 25.00
CA PHE A 209 -6.17 -11.23 24.14
C PHE A 209 -7.36 -10.39 23.68
N LYS A 210 -8.37 -11.05 23.14
CA LYS A 210 -9.56 -10.39 22.68
C LYS A 210 -10.31 -9.71 23.81
N LYS A 211 -10.43 -10.36 24.97
CA LYS A 211 -11.10 -9.72 26.10
C LYS A 211 -10.38 -8.48 26.60
N LEU A 212 -9.06 -8.59 26.81
CA LEU A 212 -8.22 -7.49 27.30
C LEU A 212 -8.16 -6.29 26.37
N VAL A 213 -7.91 -6.56 25.09
CA VAL A 213 -7.80 -5.50 24.14
C VAL A 213 -9.12 -4.79 23.87
N TYR A 214 -10.22 -5.55 23.93
CA TYR A 214 -11.51 -4.92 23.75
C TYR A 214 -11.92 -4.09 24.96
N GLU A 215 -11.60 -4.59 26.15
CA GLU A 215 -11.96 -3.90 27.35
C GLU A 215 -11.14 -2.62 27.42
N MET A 216 -9.87 -2.67 27.07
CA MET A 216 -9.05 -1.46 27.04
C MET A 216 -9.61 -0.39 26.16
N ARG A 217 -10.22 -0.80 25.05
CA ARG A 217 -10.64 0.16 24.04
C ARG A 217 -11.73 1.07 24.60
N PHE A 218 -12.41 0.66 25.66
CA PHE A 218 -13.36 1.55 26.27
C PHE A 218 -12.76 2.54 27.28
N ASP A 219 -11.50 2.34 27.65
CA ASP A 219 -10.77 3.36 28.40
C ASP A 219 -10.47 4.58 27.53
N GLU A 220 -10.60 5.79 28.10
CA GLU A 220 -10.49 7.01 27.29
C GLU A 220 -9.14 7.07 26.60
N VAL A 221 -8.08 6.68 27.32
CA VAL A 221 -6.76 6.72 26.72
C VAL A 221 -6.68 5.95 25.43
N SER A 222 -7.32 4.78 25.37
CA SER A 222 -7.31 3.96 24.14
C SER A 222 -8.32 4.45 23.12
N ALA A 223 -9.51 4.75 23.61
CA ALA A 223 -10.61 5.16 22.72
C ALA A 223 -10.25 6.44 21.95
N ARG A 224 -9.69 7.41 22.68
CA ARG A 224 -9.40 8.68 22.04
C ARG A 224 -7.99 8.81 21.49
N PHE A 225 -7.04 8.12 22.11
CA PHE A 225 -5.64 8.33 21.77
C PHE A 225 -4.90 7.14 21.18
N GLY A 226 -5.59 6.01 21.05
CA GLY A 226 -4.97 4.77 20.59
C GLY A 226 -4.98 4.64 19.08
N GLU A 227 -3.82 4.39 18.48
CA GLU A 227 -3.73 4.09 17.05
C GLU A 227 -2.98 2.79 16.90
N PHE A 228 -3.63 1.80 16.31
CA PHE A 228 -3.09 0.44 16.34
C PHE A 228 -2.62 0.00 14.94
N GLY A 229 -1.59 -0.82 14.91
CA GLY A 229 -1.14 -1.43 13.65
C GLY A 229 -1.79 -2.79 13.49
N SER A 230 -1.08 -3.71 12.83
CA SER A 230 -1.62 -5.05 12.60
C SER A 230 -1.45 -5.87 13.85
N PHE A 231 -2.34 -6.84 14.03
CA PHE A 231 -2.31 -7.78 15.15
C PHE A 231 -1.94 -9.17 14.67
N PHE A 232 -0.92 -9.78 15.27
CA PHE A 232 -0.47 -11.11 14.95
C PHE A 232 -0.63 -12.03 16.16
N VAL A 233 -1.24 -13.19 15.93
CA VAL A 233 -1.55 -14.12 17.02
C VAL A 233 -1.00 -15.47 16.61
N GLY A 234 -0.39 -16.17 17.58
CA GLY A 234 0.20 -17.43 17.34
C GLY A 234 0.17 -18.42 18.47
N THR A 235 0.80 -19.58 18.17
CA THR A 235 0.86 -20.68 19.12
C THR A 235 2.30 -21.08 19.31
N ARG A 236 2.63 -21.49 20.53
CA ARG A 236 4.01 -21.74 20.84
C ARG A 236 4.48 -22.87 19.98
N LEU A 237 5.71 -22.78 19.49
CA LEU A 237 6.36 -23.85 18.75
C LEU A 237 7.51 -24.38 19.60
N PRO A 238 7.24 -25.44 20.33
CA PRO A 238 8.30 -26.13 21.07
C PRO A 238 9.36 -26.70 20.14
N MET A 239 10.62 -26.59 20.52
CA MET A 239 11.65 -27.06 19.63
C MET A 239 11.48 -28.53 19.31
N GLU A 240 10.89 -29.30 20.23
CA GLU A 240 10.70 -30.72 19.98
C GLU A 240 9.71 -30.97 18.84
N ASN A 241 8.96 -29.94 18.46
CA ASN A 241 7.93 -30.05 17.41
C ASN A 241 8.36 -29.50 16.06
N VAL A 242 9.57 -28.99 15.97
CA VAL A 242 10.08 -28.33 14.76
C VAL A 242 10.23 -29.27 13.61
N SER A 243 10.80 -30.43 13.88
CA SER A 243 10.98 -31.40 12.86
C SER A 243 9.65 -31.81 12.22
N SER A 244 8.62 -32.04 13.02
CA SER A 244 7.29 -32.41 12.52
C SER A 244 6.66 -31.30 11.75
N PHE A 245 6.77 -30.10 12.28
CA PHE A 245 6.20 -28.95 11.63
C PHE A 245 6.71 -28.72 10.20
N PHE A 246 8.02 -28.87 10.01
CA PHE A 246 8.61 -28.68 8.69
C PHE A 246 8.71 -29.96 7.90
N HIS A 247 8.15 -31.04 8.42
CA HIS A 247 8.19 -32.28 7.69
C HIS A 247 7.26 -32.22 6.49
N VAL A 248 7.86 -32.51 5.32
CA VAL A 248 7.12 -32.73 4.10
C VAL A 248 7.63 -33.97 3.36
N GLN B 6 -19.44 -8.85 28.00
CA GLN B 6 -20.87 -9.08 27.63
C GLN B 6 -21.02 -10.21 26.63
N THR B 7 -20.05 -10.38 25.74
CA THR B 7 -20.20 -11.36 24.65
C THR B 7 -19.78 -12.76 25.08
N LEU B 8 -20.49 -13.75 24.53
CA LEU B 8 -20.12 -15.16 24.56
C LEU B 8 -19.27 -15.46 23.33
N ASP B 9 -18.23 -16.24 23.53
CA ASP B 9 -17.32 -16.60 22.47
C ASP B 9 -17.44 -18.04 22.10
N GLY B 10 -17.54 -18.30 20.80
CA GLY B 10 -17.60 -19.71 20.33
C GLY B 10 -16.34 -20.14 19.58
N TRP B 11 -16.54 -20.82 18.46
CA TRP B 11 -15.46 -21.41 17.69
C TRP B 11 -14.59 -20.30 17.13
N TYR B 12 -13.28 -20.54 17.14
CA TYR B 12 -12.35 -19.72 16.40
C TYR B 12 -12.66 -19.87 14.88
N CYS B 13 -12.29 -18.86 14.11
CA CYS B 13 -12.56 -18.82 12.67
C CYS B 13 -11.34 -18.31 11.91
N LEU B 14 -11.01 -19.01 10.84
CA LEU B 14 -10.00 -18.56 9.87
C LEU B 14 -10.76 -18.39 8.53
N HIS B 15 -10.66 -17.20 7.94
CA HIS B 15 -10.97 -17.01 6.53
C HIS B 15 -9.63 -16.99 5.76
N ASP B 16 -9.45 -17.95 4.89
CA ASP B 16 -8.20 -18.09 4.13
C ASP B 16 -8.53 -17.93 2.62
N PHE B 17 -8.14 -16.78 2.05
CA PHE B 17 -8.41 -16.47 0.65
C PHE B 17 -7.11 -16.67 -0.16
N ARG B 18 -7.23 -17.31 -1.32
CA ARG B 18 -6.10 -17.55 -2.16
C ARG B 18 -6.37 -17.18 -3.63
N THR B 19 -5.30 -16.88 -4.36
CA THR B 19 -5.37 -16.68 -5.81
C THR B 19 -4.65 -17.83 -6.48
N ILE B 20 -5.24 -18.30 -7.57
CA ILE B 20 -4.75 -19.48 -8.30
C ILE B 20 -3.72 -19.05 -9.34
N ASP B 21 -2.57 -19.71 -9.26
CA ASP B 21 -1.51 -19.51 -10.24
C ASP B 21 -1.75 -20.40 -11.42
N TRP B 22 -2.70 -20.01 -12.27
CA TRP B 22 -3.12 -20.87 -13.36
C TRP B 22 -1.99 -21.24 -14.30
N SER B 23 -1.10 -20.30 -14.56
CA SER B 23 0.00 -20.58 -15.47
C SER B 23 0.89 -21.70 -14.93
N ALA B 24 1.28 -21.62 -13.66
CA ALA B 24 2.14 -22.65 -13.12
C ALA B 24 1.44 -24.00 -13.01
N TRP B 25 0.14 -23.95 -12.72
CA TRP B 25 -0.65 -25.16 -12.54
C TRP B 25 -0.72 -25.91 -13.87
N LYS B 26 -0.86 -25.16 -14.96
CA LYS B 26 -0.98 -25.75 -16.26
C LYS B 26 0.32 -26.48 -16.67
N THR B 27 1.47 -26.05 -16.14
CA THR B 27 2.77 -26.67 -16.48
C THR B 27 2.98 -27.97 -15.71
N LEU B 28 2.26 -28.14 -14.60
CA LEU B 28 2.35 -29.39 -13.81
C LEU B 28 1.74 -30.53 -14.65
N PRO B 29 2.39 -31.69 -14.78
CA PRO B 29 1.86 -32.71 -15.66
C PRO B 29 0.49 -33.18 -15.22
N ASN B 30 -0.32 -33.59 -16.18
CA ASN B 30 -1.71 -33.95 -15.88
C ASN B 30 -1.85 -34.92 -14.74
N GLU B 31 -1.03 -35.98 -14.72
CA GLU B 31 -1.15 -36.99 -13.69
C GLU B 31 -0.88 -36.40 -12.31
N GLU B 32 0.01 -35.42 -12.24
CA GLU B 32 0.28 -34.83 -10.96
C GLU B 32 -0.79 -33.84 -10.55
N ARG B 33 -1.44 -33.18 -11.50
CA ARG B 33 -2.57 -32.31 -11.15
C ARG B 33 -3.69 -33.16 -10.62
N GLU B 34 -3.99 -34.27 -11.27
CA GLU B 34 -5.09 -35.09 -10.83
C GLU B 34 -4.82 -35.68 -9.42
N ALA B 35 -3.57 -36.04 -9.14
CA ALA B 35 -3.22 -36.55 -7.82
C ALA B 35 -3.27 -35.45 -6.75
N ALA B 36 -3.03 -34.23 -7.19
CA ALA B 36 -3.13 -33.08 -6.28
C ALA B 36 -4.58 -32.84 -5.94
N ILE B 37 -5.45 -32.88 -6.94
CA ILE B 37 -6.88 -32.70 -6.68
C ILE B 37 -7.43 -33.79 -5.79
N SER B 38 -6.99 -35.02 -6.00
CA SER B 38 -7.36 -36.07 -5.04
C SER B 38 -6.88 -35.84 -3.64
N GLU B 39 -5.62 -35.47 -3.48
CA GLU B 39 -5.08 -35.17 -2.16
C GLU B 39 -5.87 -34.07 -1.47
N PHE B 40 -6.18 -32.98 -2.22
CA PHE B 40 -6.94 -31.88 -1.66
C PHE B 40 -8.33 -32.35 -1.23
N LEU B 41 -8.99 -33.15 -2.07
CA LEU B 41 -10.32 -33.65 -1.72
C LEU B 41 -10.27 -34.54 -0.50
N ALA B 42 -9.22 -35.33 -0.37
CA ALA B 42 -9.07 -36.17 0.83
C ALA B 42 -9.00 -35.30 2.10
N LEU B 43 -8.35 -34.14 1.97
CA LEU B 43 -8.22 -33.23 3.06
C LEU B 43 -9.57 -32.68 3.44
N VAL B 44 -10.30 -32.16 2.46
CA VAL B 44 -11.64 -31.62 2.72
C VAL B 44 -12.58 -32.69 3.24
N ASP B 45 -12.37 -33.95 2.84
CA ASP B 45 -13.17 -35.03 3.42
C ASP B 45 -12.93 -35.22 4.94
N GLN B 46 -11.70 -35.00 5.44
CA GLN B 46 -11.49 -34.96 6.90
C GLN B 46 -12.27 -33.80 7.55
N TRP B 47 -12.22 -32.65 6.92
CA TRP B 47 -13.00 -31.51 7.42
C TRP B 47 -14.50 -31.90 7.55
N GLU B 48 -15.01 -32.54 6.51
CA GLU B 48 -16.41 -32.92 6.52
C GLU B 48 -16.70 -33.91 7.63
N THR B 49 -15.74 -34.78 7.94
CA THR B 49 -15.87 -35.69 9.05
C THR B 49 -15.92 -34.98 10.38
N THR B 50 -14.99 -34.04 10.59
CA THR B 50 -15.10 -33.13 11.73
C THR B 50 -16.41 -32.43 11.90
N GLU B 51 -16.96 -31.91 10.83
CA GLU B 51 -18.16 -31.15 10.87
C GLU B 51 -19.36 -32.08 11.17
N SER B 52 -19.38 -33.26 10.58
CA SER B 52 -20.47 -34.21 10.91
C SER B 52 -20.39 -34.73 12.36
N GLU B 53 -19.22 -34.68 12.96
CA GLU B 53 -19.07 -34.93 14.40
C GLU B 53 -19.30 -33.72 15.32
N LYS B 54 -19.79 -32.62 14.74
CA LYS B 54 -19.99 -31.34 15.43
C LYS B 54 -18.78 -30.80 16.14
N GLN B 55 -17.58 -31.05 15.60
CA GLN B 55 -16.36 -30.53 16.22
C GLN B 55 -15.71 -29.43 15.38
N GLY B 56 -16.48 -28.88 14.45
CA GLY B 56 -16.13 -27.67 13.73
C GLY B 56 -17.00 -27.61 12.50
N SER B 57 -16.73 -26.65 11.65
CA SER B 57 -17.46 -26.50 10.41
C SER B 57 -16.54 -25.80 9.39
N HIS B 58 -16.93 -25.80 8.11
CA HIS B 58 -16.13 -25.13 7.06
C HIS B 58 -17.04 -24.79 5.90
N ALA B 59 -16.51 -23.93 5.04
CA ALA B 59 -17.16 -23.60 3.77
C ALA B 59 -16.09 -23.33 2.75
N VAL B 60 -16.38 -23.67 1.50
CA VAL B 60 -15.45 -23.39 0.39
C VAL B 60 -16.19 -22.72 -0.78
N TYR B 61 -15.80 -21.48 -1.08
CA TYR B 61 -16.44 -20.64 -2.09
C TYR B 61 -15.40 -20.18 -3.10
N THR B 62 -15.78 -20.05 -4.37
CA THR B 62 -14.91 -19.41 -5.31
C THR B 62 -15.25 -17.92 -5.23
N ILE B 63 -14.24 -17.05 -5.32
CA ILE B 63 -14.44 -15.65 -5.20
C ILE B 63 -14.34 -15.00 -6.59
N VAL B 64 -15.27 -14.06 -6.85
CA VAL B 64 -15.34 -13.33 -8.12
C VAL B 64 -14.37 -12.13 -8.14
N GLY B 65 -13.67 -11.96 -9.26
CA GLY B 65 -12.72 -10.91 -9.38
C GLY B 65 -11.30 -11.31 -9.10
N GLN B 66 -10.45 -10.31 -8.96
CA GLN B 66 -9.05 -10.57 -8.75
C GLN B 66 -8.55 -10.48 -7.31
N LYS B 67 -9.38 -10.02 -6.39
CA LYS B 67 -8.93 -9.96 -5.00
C LYS B 67 -8.59 -11.34 -4.43
N ALA B 68 -9.25 -12.39 -4.97
CA ALA B 68 -9.01 -13.76 -4.62
C ALA B 68 -9.76 -14.65 -5.59
N ASP B 69 -9.45 -15.94 -5.55
CA ASP B 69 -10.13 -16.93 -6.37
C ASP B 69 -10.87 -18.00 -5.59
N ILE B 70 -10.46 -18.22 -4.37
CA ILE B 70 -11.02 -19.26 -3.49
C ILE B 70 -10.86 -18.83 -2.01
N LEU B 71 -11.91 -19.15 -1.26
CA LEU B 71 -12.01 -18.91 0.18
C LEU B 71 -12.23 -20.24 0.88
N PHE B 72 -11.42 -20.53 1.90
CA PHE B 72 -11.71 -21.59 2.84
C PHE B 72 -12.05 -20.90 4.16
N MET B 73 -13.24 -21.13 4.70
CA MET B 73 -13.65 -20.55 5.96
C MET B 73 -13.74 -21.77 6.87
N ILE B 74 -12.99 -21.72 7.97
CA ILE B 74 -12.83 -22.84 8.86
C ILE B 74 -13.14 -22.43 10.28
N LEU B 75 -13.99 -23.21 10.94
CA LEU B 75 -14.28 -22.99 12.39
C LEU B 75 -13.85 -24.17 13.22
N ARG B 76 -13.08 -23.92 14.30
CA ARG B 76 -12.55 -24.96 15.16
C ARG B 76 -12.53 -24.48 16.62
N PRO B 77 -12.51 -25.42 17.55
CA PRO B 77 -12.55 -25.15 18.95
C PRO B 77 -11.34 -24.45 19.54
N THR B 78 -10.19 -24.56 18.86
CA THR B 78 -8.97 -23.93 19.34
C THR B 78 -8.26 -23.18 18.24
N LEU B 79 -7.41 -22.26 18.66
CA LEU B 79 -6.51 -21.63 17.72
C LEU B 79 -5.48 -22.58 17.18
N ASP B 80 -5.05 -23.54 17.98
CA ASP B 80 -4.13 -24.57 17.51
C ASP B 80 -4.68 -25.34 16.32
N GLU B 81 -5.96 -25.70 16.40
CA GLU B 81 -6.57 -26.46 15.31
C GLU B 81 -6.62 -25.66 14.02
N LEU B 82 -6.89 -24.37 14.13
CA LEU B 82 -6.76 -23.47 12.98
C LEU B 82 -5.35 -23.50 12.38
N HIS B 83 -4.31 -23.47 13.23
CA HIS B 83 -2.92 -23.58 12.75
C HIS B 83 -2.66 -24.93 12.08
N GLU B 84 -3.22 -26.01 12.64
CA GLU B 84 -2.96 -27.32 12.09
C GLU B 84 -3.66 -27.51 10.73
N ILE B 85 -4.87 -26.99 10.60
CA ILE B 85 -5.59 -26.99 9.31
C ILE B 85 -4.80 -26.20 8.25
N GLU B 86 -4.40 -25.01 8.63
CA GLU B 86 -3.66 -24.14 7.71
C GLU B 86 -2.39 -24.81 7.21
N THR B 87 -1.70 -25.45 8.14
CA THR B 87 -0.46 -26.09 7.86
C THR B 87 -0.65 -27.30 6.99
N ALA B 88 -1.64 -28.12 7.32
CA ALA B 88 -1.93 -29.26 6.49
C ALA B 88 -2.39 -28.85 5.08
N LEU B 89 -3.13 -27.76 4.92
CA LEU B 89 -3.49 -27.27 3.59
C LEU B 89 -2.23 -26.88 2.85
N ASN B 90 -1.36 -26.14 3.52
CA ASN B 90 -0.14 -25.63 2.86
C ASN B 90 0.82 -26.76 2.44
N LYS B 91 0.73 -27.90 3.08
CA LYS B 91 1.61 -28.99 2.69
C LYS B 91 1.04 -29.87 1.56
N THR B 92 -0.18 -29.59 1.09
CA THR B 92 -0.70 -30.26 -0.13
C THR B 92 0.00 -29.74 -1.35
N LYS B 93 -0.03 -30.52 -2.43
CA LYS B 93 0.52 -30.05 -3.67
C LYS B 93 -0.26 -28.88 -4.27
N LEU B 94 -1.59 -28.96 -4.24
CA LEU B 94 -2.43 -27.91 -4.80
C LEU B 94 -2.08 -26.59 -4.16
N ALA B 95 -1.88 -26.56 -2.85
CA ALA B 95 -1.59 -25.28 -2.18
C ALA B 95 -0.36 -24.55 -2.71
N ASP B 96 0.56 -25.25 -3.38
CA ASP B 96 1.70 -24.54 -3.94
C ASP B 96 1.23 -23.53 -5.00
N TYR B 97 0.06 -23.78 -5.59
CA TYR B 97 -0.55 -22.98 -6.67
C TYR B 97 -1.62 -22.05 -6.13
N LEU B 98 -1.84 -22.11 -4.83
CA LEU B 98 -2.82 -21.25 -4.16
C LEU B 98 -2.07 -20.17 -3.38
N LEU B 99 -1.86 -19.05 -4.08
CA LEU B 99 -1.00 -17.99 -3.55
C LEU B 99 -1.77 -17.13 -2.55
N PRO B 100 -1.06 -16.48 -1.68
CA PRO B 100 -1.69 -15.61 -0.67
C PRO B 100 -2.46 -14.47 -1.31
N ALA B 101 -3.63 -14.17 -0.72
CA ALA B 101 -4.47 -13.09 -1.18
C ALA B 101 -4.98 -12.25 -0.04
N TYR B 102 -5.56 -12.89 0.98
CA TYR B 102 -6.05 -12.20 2.21
C TYR B 102 -6.39 -13.28 3.22
N SER B 103 -6.39 -12.92 4.48
CA SER B 103 -6.75 -13.84 5.52
C SER B 103 -7.33 -13.06 6.71
N TYR B 104 -8.10 -13.77 7.50
CA TYR B 104 -8.70 -13.20 8.68
C TYR B 104 -8.83 -14.21 9.79
N VAL B 105 -8.46 -13.79 11.02
CA VAL B 105 -8.52 -14.66 12.23
C VAL B 105 -9.42 -14.00 13.27
N SER B 106 -10.40 -14.76 13.72
CA SER B 106 -11.45 -14.16 14.54
C SER B 106 -12.13 -15.28 15.37
N VAL B 107 -13.07 -14.91 16.22
CA VAL B 107 -13.82 -15.88 17.02
C VAL B 107 -15.32 -15.53 16.94
N VAL B 108 -16.16 -16.56 16.75
CA VAL B 108 -17.59 -16.38 16.72
C VAL B 108 -17.98 -15.69 18.01
N GLU B 109 -18.71 -14.59 17.88
CA GLU B 109 -19.10 -13.76 19.02
C GLU B 109 -20.59 -13.49 19.09
N LEU B 110 -21.21 -13.78 20.23
CA LEU B 110 -22.64 -13.49 20.39
C LEU B 110 -22.80 -12.42 21.44
N SER B 111 -23.59 -11.40 21.13
CA SER B 111 -24.11 -10.50 22.16
C SER B 111 -25.61 -10.75 22.45
N ASN B 112 -26.36 -11.31 21.51
CA ASN B 112 -27.83 -11.45 21.65
C ASN B 112 -28.30 -12.79 22.18
N TYR B 113 -28.60 -12.86 23.47
CA TYR B 113 -29.25 -14.05 24.03
C TYR B 113 -29.99 -13.66 25.29
N LEU B 114 -31.06 -14.40 25.62
CA LEU B 114 -31.77 -14.16 26.87
C LEU B 114 -30.92 -14.69 28.02
N ALA B 115 -30.42 -13.75 28.82
CA ALA B 115 -29.51 -14.04 29.91
C ALA B 115 -30.34 -14.05 31.21
N SER B 116 -30.52 -15.22 31.81
CA SER B 116 -31.38 -15.32 33.00
C SER B 116 -30.55 -15.48 34.28
N GLY B 117 -29.28 -15.85 34.12
CA GLY B 117 -28.42 -16.09 35.27
C GLY B 117 -28.42 -17.55 35.68
N SER B 118 -29.48 -18.27 35.33
CA SER B 118 -29.78 -19.52 36.02
C SER B 118 -29.20 -20.73 35.32
N GLU B 119 -28.63 -20.52 34.14
CA GLU B 119 -28.10 -21.62 33.34
C GLU B 119 -26.75 -21.15 32.80
N ASP B 120 -25.90 -22.13 32.50
CA ASP B 120 -24.66 -21.86 31.76
C ASP B 120 -25.08 -21.80 30.29
N PRO B 121 -25.00 -20.62 29.68
CA PRO B 121 -25.50 -20.43 28.31
C PRO B 121 -24.72 -21.28 27.29
N TYR B 122 -23.50 -21.67 27.66
CA TYR B 122 -22.68 -22.50 26.78
C TYR B 122 -23.26 -23.88 26.69
N GLN B 123 -24.27 -24.15 27.51
CA GLN B 123 -24.87 -25.48 27.53
C GLN B 123 -26.28 -25.48 26.95
N ILE B 124 -26.86 -24.29 26.75
CA ILE B 124 -28.19 -24.12 26.20
C ILE B 124 -28.15 -24.38 24.67
N PRO B 125 -29.01 -25.26 24.17
CA PRO B 125 -28.94 -25.66 22.75
C PRO B 125 -29.19 -24.53 21.77
N GLU B 126 -30.04 -23.58 22.13
CA GLU B 126 -30.32 -22.44 21.28
C GLU B 126 -29.21 -21.39 21.25
N VAL B 127 -28.38 -21.37 22.29
CA VAL B 127 -27.13 -20.61 22.25
C VAL B 127 -26.01 -21.39 21.53
N ARG B 128 -25.86 -22.66 21.87
CA ARG B 128 -24.79 -23.44 21.32
C ARG B 128 -24.85 -23.40 19.80
N ARG B 129 -26.06 -23.46 19.25
CA ARG B 129 -26.13 -23.66 17.79
C ARG B 129 -25.71 -22.39 17.08
N ARG B 130 -25.65 -21.31 17.83
CA ARG B 130 -25.00 -20.09 17.33
C ARG B 130 -23.49 -19.89 17.64
N LEU B 131 -23.03 -20.38 18.78
CA LEU B 131 -21.58 -20.33 19.10
C LEU B 131 -20.78 -21.23 18.18
N TYR B 132 -21.40 -22.36 17.82
CA TYR B 132 -20.74 -23.49 17.19
C TYR B 132 -21.57 -23.85 15.96
N PRO B 133 -21.67 -22.92 15.02
CA PRO B 133 -22.59 -23.02 13.89
C PRO B 133 -22.12 -24.00 12.81
N ILE B 134 -23.07 -24.70 12.20
CA ILE B 134 -22.81 -25.38 10.94
C ILE B 134 -23.08 -24.35 9.87
N LEU B 135 -22.06 -24.05 9.08
CA LEU B 135 -22.15 -22.93 8.16
C LEU B 135 -23.14 -23.27 7.05
N PRO B 136 -23.92 -22.26 6.65
CA PRO B 136 -24.90 -22.39 5.59
C PRO B 136 -24.31 -22.88 4.27
N LYS B 137 -25.08 -23.65 3.51
CA LYS B 137 -24.60 -24.10 2.21
C LYS B 137 -25.30 -23.33 1.07
N THR B 138 -25.32 -22.00 1.19
CA THR B 138 -26.04 -21.15 0.27
C THR B 138 -25.23 -20.95 -0.97
N ASN B 139 -25.92 -20.51 -2.03
CA ASN B 139 -25.29 -20.34 -3.33
C ASN B 139 -24.14 -19.36 -3.22
N TYR B 140 -24.31 -18.34 -2.38
CA TYR B 140 -23.34 -17.23 -2.34
C TYR B 140 -22.89 -16.92 -0.92
N ILE B 141 -21.76 -16.21 -0.85
CA ILE B 141 -21.13 -15.73 0.38
C ILE B 141 -20.64 -14.28 0.12
N CYS B 142 -20.56 -13.50 1.18
CA CYS B 142 -19.95 -12.17 1.16
C CYS B 142 -19.18 -12.07 2.48
N PHE B 143 -17.94 -11.60 2.40
CA PHE B 143 -17.12 -11.34 3.64
C PHE B 143 -16.59 -9.91 3.55
N TYR B 144 -16.66 -9.22 4.68
CA TYR B 144 -15.92 -7.99 4.89
C TYR B 144 -15.59 -7.85 6.39
N PRO B 145 -14.45 -7.23 6.68
CA PRO B 145 -14.17 -6.81 8.07
C PRO B 145 -14.65 -5.40 8.36
N MET B 146 -14.81 -5.08 9.64
CA MET B 146 -15.12 -3.71 9.99
C MET B 146 -14.57 -3.26 11.34
N ASP B 147 -14.44 -1.97 11.48
CA ASP B 147 -14.14 -1.35 12.77
C ASP B 147 -15.33 -0.50 13.14
N LYS B 148 -15.47 -0.18 14.44
CA LYS B 148 -16.25 0.95 14.90
C LYS B 148 -15.40 2.22 14.96
N ARG B 149 -15.87 3.28 14.34
CA ARG B 149 -15.08 4.50 14.25
C ARG B 149 -14.69 5.12 15.57
N ARG B 150 -13.48 5.74 15.57
CA ARG B 150 -12.92 6.54 16.71
C ARG B 150 -12.27 7.81 16.16
N GLN B 151 -13.08 8.73 15.67
CA GLN B 151 -12.58 9.85 14.95
C GLN B 151 -13.42 11.00 15.38
N GLY B 152 -12.80 12.00 15.99
CA GLY B 152 -13.49 13.25 16.22
C GLY B 152 -14.69 13.08 17.12
N ASN B 153 -15.82 13.55 16.63
CA ASN B 153 -17.07 13.49 17.32
C ASN B 153 -17.81 12.21 16.96
N ASP B 154 -17.22 11.41 16.06
CA ASP B 154 -17.77 10.09 15.79
C ASP B 154 -16.90 9.05 16.46
N ASN B 155 -16.93 9.00 17.79
CA ASN B 155 -16.15 7.99 18.52
C ASN B 155 -17.06 7.03 19.29
N TRP B 156 -17.19 5.82 18.74
CA TRP B 156 -18.09 4.83 19.28
C TRP B 156 -17.74 4.53 20.71
N TYR B 157 -16.44 4.44 21.00
CA TYR B 157 -16.05 3.94 22.31
C TYR B 157 -16.15 5.00 23.36
N MET B 158 -16.38 6.25 22.97
CA MET B 158 -16.56 7.33 23.95
C MET B 158 -18.02 7.54 24.30
N LEU B 159 -18.90 6.79 23.63
CA LEU B 159 -20.36 6.96 23.88
C LEU B 159 -20.68 6.31 25.20
N SER B 160 -21.89 6.57 25.71
CA SER B 160 -22.41 5.81 26.83
C SER B 160 -22.91 4.46 26.39
N MET B 161 -22.92 3.50 27.31
CA MET B 161 -23.57 2.24 27.07
C MET B 161 -24.99 2.48 26.52
N GLU B 162 -25.70 3.45 27.07
CA GLU B 162 -27.09 3.72 26.62
C GLU B 162 -27.16 4.15 25.15
N GLN B 163 -26.26 5.06 24.76
CA GLN B 163 -26.26 5.55 23.40
C GLN B 163 -25.92 4.41 22.45
N ARG B 164 -24.93 3.58 22.80
CA ARG B 164 -24.59 2.44 21.96
C ARG B 164 -25.76 1.46 21.78
N ARG B 165 -26.51 1.26 22.85
CA ARG B 165 -27.64 0.33 22.79
C ARG B 165 -28.73 0.87 21.87
N GLU B 166 -29.03 2.15 21.96
CA GLU B 166 -30.08 2.71 21.11
C GLU B 166 -29.64 2.73 19.67
N LEU B 167 -28.37 3.05 19.45
CA LEU B 167 -27.78 2.91 18.10
C LEU B 167 -27.93 1.54 17.49
N MET B 168 -27.61 0.50 18.26
CA MET B 168 -27.62 -0.86 17.76
C MET B 168 -29.03 -1.41 17.56
N ARG B 169 -30.02 -0.79 18.17
CA ARG B 169 -31.42 -1.22 18.02
C ARG B 169 -31.92 -0.94 16.60
N ALA B 170 -31.58 0.20 16.00
CA ALA B 170 -31.93 0.44 14.61
C ALA B 170 -31.29 -0.61 13.69
N HIS B 171 -30.02 -0.92 13.97
CA HIS B 171 -29.23 -1.87 13.20
C HIS B 171 -29.87 -3.25 13.22
N GLY B 172 -30.37 -3.63 14.39
CA GLY B 172 -31.07 -4.90 14.52
C GLY B 172 -32.39 -4.88 13.80
N MET B 173 -33.04 -3.73 13.80
CA MET B 173 -34.30 -3.63 13.07
C MET B 173 -34.13 -3.78 11.57
N THR B 174 -33.08 -3.18 11.01
CA THR B 174 -32.76 -3.39 9.61
C THR B 174 -32.53 -4.85 9.30
N GLY B 175 -31.77 -5.54 10.15
CA GLY B 175 -31.48 -6.95 9.95
C GLY B 175 -32.73 -7.81 9.92
N ARG B 176 -33.70 -7.43 10.75
CA ARG B 176 -34.93 -8.19 10.82
C ARG B 176 -35.64 -8.21 9.49
N LYS B 177 -35.51 -7.15 8.71
CA LYS B 177 -36.15 -7.12 7.38
C LYS B 177 -35.70 -8.22 6.45
N TYR B 178 -34.51 -8.77 6.72
CA TYR B 178 -33.89 -9.76 5.86
C TYR B 178 -33.96 -11.17 6.44
N ALA B 179 -34.92 -11.38 7.33
CA ALA B 179 -35.10 -12.70 7.93
C ALA B 179 -35.43 -13.69 6.86
N GLY B 180 -34.70 -14.79 6.87
CA GLY B 180 -34.87 -15.86 5.91
C GLY B 180 -34.39 -15.55 4.52
N LYS B 181 -33.78 -14.38 4.30
CA LYS B 181 -33.11 -14.08 3.01
C LYS B 181 -31.56 -14.06 3.09
N VAL B 182 -31.07 -13.69 4.26
CA VAL B 182 -29.63 -13.62 4.54
C VAL B 182 -29.39 -14.09 5.98
N THR B 183 -28.35 -14.87 6.16
CA THR B 183 -27.86 -15.14 7.50
C THR B 183 -26.46 -14.59 7.64
N GLN B 184 -26.13 -14.16 8.85
CA GLN B 184 -24.93 -13.40 9.10
C GLN B 184 -24.18 -14.01 10.26
N ILE B 185 -22.90 -14.30 10.05
CA ILE B 185 -22.01 -14.78 11.09
C ILE B 185 -21.08 -13.63 11.45
N ILE B 186 -21.13 -13.19 12.72
CA ILE B 186 -20.29 -12.12 13.24
C ILE B 186 -19.20 -12.81 14.02
N THR B 187 -17.98 -12.49 13.65
CA THR B 187 -16.83 -12.92 14.42
C THR B 187 -16.15 -11.70 15.03
N GLY B 188 -15.63 -11.83 16.23
CA GLY B 188 -14.90 -10.74 16.83
C GLY B 188 -13.43 -10.95 16.60
N SER B 189 -12.69 -9.85 16.43
CA SER B 189 -11.28 -9.96 16.11
C SER B 189 -10.46 -8.91 16.82
N VAL B 190 -11.04 -8.13 17.72
CA VAL B 190 -10.20 -7.22 18.50
C VAL B 190 -9.15 -8.03 19.24
N GLY B 191 -7.87 -7.63 19.13
CA GLY B 191 -6.77 -8.38 19.63
C GLY B 191 -6.29 -9.57 18.84
N LEU B 192 -7.00 -9.91 17.74
CA LEU B 192 -6.66 -11.12 17.00
C LEU B 192 -6.28 -10.80 15.54
N ASP B 193 -6.83 -9.74 14.97
CA ASP B 193 -6.50 -9.39 13.60
C ASP B 193 -6.65 -7.88 13.45
N ASP B 194 -6.67 -7.35 12.24
CA ASP B 194 -6.43 -5.93 12.05
C ASP B 194 -7.64 -5.01 12.20
N PHE B 195 -8.84 -5.55 11.94
CA PHE B 195 -10.09 -4.88 12.23
C PHE B 195 -10.70 -5.47 13.51
N GLU B 196 -11.91 -5.05 13.83
CA GLU B 196 -12.52 -5.38 15.10
C GLU B 196 -13.54 -6.51 14.99
N TRP B 197 -14.23 -6.61 13.83
CA TRP B 197 -15.18 -7.73 13.57
C TRP B 197 -15.02 -8.22 12.13
N GLY B 198 -15.27 -9.51 11.95
CA GLY B 198 -15.53 -10.07 10.64
C GLY B 198 -17.01 -10.26 10.44
N VAL B 199 -17.48 -9.93 9.23
CA VAL B 199 -18.87 -10.12 8.88
C VAL B 199 -18.96 -11.07 7.69
N THR B 200 -19.59 -12.23 7.90
CA THR B 200 -19.81 -13.16 6.81
C THR B 200 -21.31 -13.33 6.56
N LEU B 201 -21.74 -13.07 5.33
CA LEU B 201 -23.15 -13.17 5.01
C LEU B 201 -23.31 -14.33 4.07
N PHE B 202 -24.47 -14.98 4.20
CA PHE B 202 -24.73 -16.14 3.39
C PHE B 202 -26.13 -15.94 2.80
N SER B 203 -26.26 -16.10 1.49
CA SER B 203 -27.56 -15.98 0.85
C SER B 203 -27.62 -16.80 -0.45
N ASP B 204 -28.83 -17.20 -0.85
CA ASP B 204 -29.03 -17.77 -2.17
C ASP B 204 -29.30 -16.74 -3.23
N ASP B 205 -29.34 -15.46 -2.88
CA ASP B 205 -29.48 -14.36 -3.83
C ASP B 205 -28.44 -13.32 -3.54
N ALA B 206 -27.45 -13.16 -4.42
CA ALA B 206 -26.36 -12.24 -4.09
C ALA B 206 -26.79 -10.82 -4.01
N LEU B 207 -27.88 -10.48 -4.68
CA LEU B 207 -28.38 -9.10 -4.59
C LEU B 207 -28.73 -8.68 -3.21
N GLN B 208 -29.12 -9.65 -2.38
CA GLN B 208 -29.49 -9.40 -1.01
C GLN B 208 -28.31 -8.86 -0.18
N PHE B 209 -27.10 -9.19 -0.58
CA PHE B 209 -25.92 -8.57 0.07
C PHE B 209 -25.88 -7.05 -0.16
N LYS B 210 -26.07 -6.64 -1.40
CA LYS B 210 -26.10 -5.24 -1.75
C LYS B 210 -27.29 -4.55 -1.10
N LYS B 211 -28.46 -5.18 -1.11
CA LYS B 211 -29.63 -4.57 -0.54
C LYS B 211 -29.42 -4.35 0.95
N LEU B 212 -28.94 -5.39 1.63
CA LEU B 212 -28.82 -5.35 3.07
C LEU B 212 -27.74 -4.36 3.50
N VAL B 213 -26.60 -4.40 2.83
CA VAL B 213 -25.49 -3.62 3.32
C VAL B 213 -25.77 -2.15 2.98
N TYR B 214 -26.43 -1.89 1.85
CA TYR B 214 -26.83 -0.49 1.52
C TYR B 214 -27.83 0.05 2.51
N GLU B 215 -28.85 -0.74 2.80
CA GLU B 215 -29.86 -0.32 3.73
C GLU B 215 -29.30 -0.03 5.13
N MET B 216 -28.43 -0.90 5.60
CA MET B 216 -27.76 -0.67 6.87
C MET B 216 -27.01 0.64 6.90
N ARG B 217 -26.38 1.00 5.77
CA ARG B 217 -25.53 2.25 5.74
C ARG B 217 -26.31 3.52 6.06
N PHE B 218 -27.64 3.49 5.94
CA PHE B 218 -28.48 4.60 6.37
C PHE B 218 -28.88 4.64 7.83
N ASP B 219 -28.58 3.58 8.56
CA ASP B 219 -28.69 3.56 10.02
C ASP B 219 -27.55 4.40 10.59
N GLU B 220 -27.85 5.18 11.63
CA GLU B 220 -26.81 6.09 12.18
C GLU B 220 -25.57 5.31 12.60
N VAL B 221 -25.79 4.16 13.24
CA VAL B 221 -24.67 3.38 13.69
C VAL B 221 -23.69 3.09 12.55
N SER B 222 -24.19 2.79 11.36
CA SER B 222 -23.31 2.45 10.23
C SER B 222 -22.80 3.71 9.55
N ALA B 223 -23.70 4.65 9.36
CA ALA B 223 -23.40 5.91 8.66
C ALA B 223 -22.32 6.67 9.39
N ARG B 224 -22.46 6.75 10.70
CA ARG B 224 -21.49 7.52 11.47
C ARG B 224 -20.33 6.70 12.02
N PHE B 225 -20.56 5.44 12.34
CA PHE B 225 -19.56 4.67 13.06
C PHE B 225 -19.01 3.49 12.29
N GLY B 226 -19.51 3.22 11.08
CA GLY B 226 -18.96 2.13 10.31
C GLY B 226 -17.66 2.45 9.60
N GLU B 227 -16.66 1.60 9.79
CA GLU B 227 -15.47 1.59 8.92
C GLU B 227 -15.26 0.21 8.32
N PHE B 228 -15.22 0.13 7.01
CA PHE B 228 -15.29 -1.16 6.31
C PHE B 228 -13.97 -1.42 5.62
N GLY B 229 -13.59 -2.69 5.57
CA GLY B 229 -12.45 -3.19 4.77
C GLY B 229 -12.93 -3.58 3.38
N SER B 230 -12.25 -4.54 2.75
CA SER B 230 -12.59 -5.02 1.41
C SER B 230 -13.76 -5.99 1.52
N PHE B 231 -14.54 -6.07 0.45
CA PHE B 231 -15.70 -6.94 0.35
C PHE B 231 -15.38 -8.00 -0.68
N PHE B 232 -15.56 -9.22 -0.27
CA PHE B 232 -15.30 -10.41 -1.11
C PHE B 232 -16.60 -11.20 -1.30
N VAL B 233 -16.99 -11.42 -2.54
CA VAL B 233 -18.22 -12.18 -2.85
C VAL B 233 -17.87 -13.40 -3.67
N GLY B 234 -18.62 -14.46 -3.44
CA GLY B 234 -18.32 -15.70 -4.08
C GLY B 234 -19.48 -16.63 -4.27
N THR B 235 -19.17 -17.74 -4.92
CA THR B 235 -20.22 -18.74 -5.26
C THR B 235 -19.76 -20.03 -4.66
N ARG B 236 -20.71 -20.86 -4.22
CA ARG B 236 -20.32 -22.07 -3.52
C ARG B 236 -19.54 -23.03 -4.36
N LEU B 237 -18.51 -23.67 -3.76
CA LEU B 237 -17.75 -24.72 -4.41
C LEU B 237 -17.88 -26.02 -3.64
N PRO B 238 -18.96 -26.79 -3.90
CA PRO B 238 -19.04 -28.11 -3.33
C PRO B 238 -17.91 -28.99 -3.85
N MET B 239 -17.58 -30.02 -3.10
CA MET B 239 -16.46 -30.85 -3.45
C MET B 239 -16.65 -31.54 -4.81
N GLU B 240 -17.90 -31.73 -5.22
CA GLU B 240 -18.14 -32.40 -6.50
C GLU B 240 -17.78 -31.54 -7.69
N ASN B 241 -17.61 -30.25 -7.45
CA ASN B 241 -17.33 -29.30 -8.50
C ASN B 241 -15.83 -28.97 -8.51
N VAL B 242 -15.06 -29.43 -7.52
CA VAL B 242 -13.63 -29.15 -7.49
C VAL B 242 -12.78 -29.67 -8.67
N SER B 243 -13.03 -30.90 -9.14
CA SER B 243 -12.28 -31.42 -10.25
C SER B 243 -12.55 -30.61 -11.51
N SER B 244 -13.80 -30.20 -11.72
CA SER B 244 -14.10 -29.42 -12.88
C SER B 244 -13.52 -27.99 -12.79
N PHE B 245 -13.59 -27.41 -11.61
CA PHE B 245 -13.05 -26.04 -11.44
C PHE B 245 -11.54 -25.97 -11.72
N PHE B 246 -10.80 -26.93 -11.19
CA PHE B 246 -9.35 -26.93 -11.34
C PHE B 246 -8.84 -27.62 -12.62
N HIS B 247 -9.74 -28.18 -13.42
CA HIS B 247 -9.30 -28.85 -14.59
C HIS B 247 -8.69 -27.91 -15.64
N VAL B 248 -7.54 -28.29 -16.20
CA VAL B 248 -6.93 -27.62 -17.37
C VAL B 248 -6.34 -28.63 -18.39
N GLN C 6 -13.58 26.64 -19.32
CA GLN C 6 -12.59 27.77 -19.34
C GLN C 6 -11.22 27.39 -19.90
N THR C 7 -10.75 26.15 -19.61
CA THR C 7 -9.44 25.71 -20.16
C THR C 7 -9.47 25.28 -21.61
N LEU C 8 -8.32 25.46 -22.25
CA LEU C 8 -8.05 24.98 -23.58
C LEU C 8 -7.18 23.77 -23.36
N ASP C 9 -7.49 22.75 -24.11
CA ASP C 9 -6.81 21.48 -24.03
C ASP C 9 -5.91 21.26 -25.21
N GLY C 10 -4.73 20.72 -24.95
CA GLY C 10 -3.71 20.57 -25.97
C GLY C 10 -3.40 19.10 -26.19
N TRP C 11 -2.12 18.81 -26.39
CA TRP C 11 -1.68 17.42 -26.57
C TRP C 11 -1.90 16.54 -25.33
N TYR C 12 -2.21 15.28 -25.60
CA TYR C 12 -2.24 14.25 -24.55
C TYR C 12 -0.80 13.97 -24.08
N CYS C 13 -0.69 13.56 -22.82
CA CYS C 13 0.61 13.35 -22.23
C CYS C 13 0.66 12.01 -21.51
N LEU C 14 1.74 11.28 -21.73
CA LEU C 14 2.06 10.06 -20.98
C LEU C 14 3.41 10.23 -20.29
N HIS C 15 3.39 10.08 -18.96
CA HIS C 15 4.62 9.92 -18.21
C HIS C 15 4.73 8.43 -17.90
N ASP C 16 5.75 7.80 -18.47
CA ASP C 16 6.02 6.41 -18.28
C ASP C 16 7.37 6.20 -17.53
N PHE C 17 7.28 5.76 -16.30
CA PHE C 17 8.47 5.53 -15.47
C PHE C 17 8.73 4.03 -15.36
N ARG C 18 9.99 3.65 -15.49
CA ARG C 18 10.44 2.26 -15.43
C ARG C 18 11.64 2.05 -14.47
N THR C 19 11.73 0.85 -13.91
CA THR C 19 12.89 0.41 -13.14
C THR C 19 13.63 -0.58 -14.01
N ILE C 20 14.98 -0.51 -13.97
CA ILE C 20 15.79 -1.37 -14.79
C ILE C 20 16.19 -2.63 -14.06
N ASP C 21 15.87 -3.75 -14.66
CA ASP C 21 16.23 -5.08 -14.16
C ASP C 21 17.66 -5.40 -14.58
N TRP C 22 18.60 -4.80 -13.88
CA TRP C 22 20.03 -4.92 -14.24
C TRP C 22 20.48 -6.37 -14.25
N SER C 23 20.06 -7.11 -13.24
CA SER C 23 20.50 -8.50 -13.11
C SER C 23 20.09 -9.33 -14.30
N ALA C 24 18.83 -9.19 -14.75
CA ALA C 24 18.40 -9.93 -15.92
C ALA C 24 19.15 -9.49 -17.17
N TRP C 25 19.22 -8.18 -17.32
CA TRP C 25 19.91 -7.52 -18.45
C TRP C 25 21.33 -8.10 -18.62
N LYS C 26 22.04 -8.21 -17.52
CA LYS C 26 23.38 -8.73 -17.52
C LYS C 26 23.48 -10.20 -17.94
N THR C 27 22.38 -10.95 -17.86
CA THR C 27 22.32 -12.30 -18.40
C THR C 27 22.10 -12.42 -19.87
N LEU C 28 21.54 -11.39 -20.50
CA LEU C 28 21.33 -11.39 -21.93
C LEU C 28 22.71 -11.34 -22.62
N PRO C 29 22.93 -12.17 -23.62
CA PRO C 29 24.21 -12.13 -24.32
C PRO C 29 24.49 -10.75 -24.90
N ASN C 30 25.77 -10.38 -24.91
CA ASN C 30 26.20 -9.08 -25.38
C ASN C 30 25.68 -8.66 -26.72
N GLU C 31 25.66 -9.58 -27.68
CA GLU C 31 25.25 -9.24 -29.02
C GLU C 31 23.77 -8.85 -28.99
N GLU C 32 23.00 -9.52 -28.13
CA GLU C 32 21.57 -9.24 -28.00
C GLU C 32 21.28 -7.96 -27.24
N ARG C 33 22.14 -7.62 -26.27
CA ARG C 33 22.04 -6.30 -25.59
C ARG C 33 22.32 -5.20 -26.58
N GLU C 34 23.37 -5.38 -27.37
CA GLU C 34 23.68 -4.37 -28.35
C GLU C 34 22.58 -4.23 -29.40
N ALA C 35 21.96 -5.34 -29.81
CA ALA C 35 20.88 -5.26 -30.76
C ALA C 35 19.63 -4.58 -30.14
N ALA C 36 19.41 -4.80 -28.86
CA ALA C 36 18.30 -4.16 -28.16
C ALA C 36 18.50 -2.70 -28.06
N ILE C 37 19.73 -2.26 -27.79
CA ILE C 37 19.99 -0.83 -27.71
C ILE C 37 19.76 -0.15 -29.07
N SER C 38 20.27 -0.76 -30.15
CA SER C 38 20.00 -0.20 -31.50
C SER C 38 18.53 -0.16 -31.80
N GLU C 39 17.78 -1.19 -31.38
CA GLU C 39 16.36 -1.27 -31.67
C GLU C 39 15.59 -0.17 -30.94
N PHE C 40 15.98 0.07 -29.67
CA PHE C 40 15.42 1.19 -28.90
C PHE C 40 15.75 2.56 -29.50
N LEU C 41 16.99 2.76 -29.94
CA LEU C 41 17.41 4.04 -30.50
C LEU C 41 16.65 4.36 -31.77
N ALA C 42 16.34 3.32 -32.53
CA ALA C 42 15.58 3.44 -33.77
C ALA C 42 14.15 3.85 -33.50
N LEU C 43 13.59 3.41 -32.39
CA LEU C 43 12.29 3.84 -31.97
C LEU C 43 12.32 5.29 -31.56
N VAL C 44 13.25 5.70 -30.69
CA VAL C 44 13.31 7.13 -30.28
C VAL C 44 13.59 8.01 -31.44
N ASP C 45 14.34 7.49 -32.42
CA ASP C 45 14.57 8.25 -33.61
C ASP C 45 13.29 8.62 -34.37
N GLN C 46 12.32 7.71 -34.39
CA GLN C 46 10.94 7.99 -34.82
C GLN C 46 10.31 9.11 -34.03
N TRP C 47 10.40 9.05 -32.71
CA TRP C 47 9.83 10.09 -31.88
C TRP C 47 10.46 11.45 -32.24
N GLU C 48 11.77 11.46 -32.51
CA GLU C 48 12.42 12.72 -32.81
C GLU C 48 11.92 13.33 -34.15
N THR C 49 11.72 12.48 -35.14
CA THR C 49 11.18 12.92 -36.40
C THR C 49 9.80 13.50 -36.23
N THR C 50 9.00 12.84 -35.40
CA THR C 50 7.68 13.36 -35.06
C THR C 50 7.71 14.71 -34.38
N GLU C 51 8.69 14.94 -33.50
CA GLU C 51 8.81 16.22 -32.84
C GLU C 51 9.25 17.29 -33.85
N SER C 52 10.19 16.91 -34.72
CA SER C 52 10.71 17.80 -35.75
C SER C 52 9.58 18.26 -36.68
N GLU C 53 8.60 17.38 -36.85
CA GLU C 53 7.44 17.63 -37.67
C GLU C 53 6.33 18.37 -36.95
N LYS C 54 6.58 18.73 -35.69
CA LYS C 54 5.63 19.38 -34.84
C LYS C 54 4.35 18.59 -34.59
N GLN C 55 4.45 17.26 -34.65
CA GLN C 55 3.33 16.35 -34.43
C GLN C 55 3.42 15.63 -33.07
N GLY C 56 4.26 16.18 -32.21
CA GLY C 56 4.32 15.69 -30.81
C GLY C 56 5.65 16.06 -30.23
N SER C 57 5.90 15.65 -28.98
CA SER C 57 7.19 15.93 -28.36
C SER C 57 7.47 14.78 -27.39
N HIS C 58 8.73 14.67 -26.93
CA HIS C 58 9.10 13.70 -25.87
C HIS C 58 10.33 14.15 -25.11
N ALA C 59 10.52 13.52 -23.96
CA ALA C 59 11.64 13.82 -23.05
C ALA C 59 12.03 12.50 -22.42
N VAL C 60 13.33 12.24 -22.35
CA VAL C 60 13.83 11.03 -21.69
C VAL C 60 14.89 11.39 -20.65
N TYR C 61 14.59 11.04 -19.41
CA TYR C 61 15.40 11.39 -18.25
C TYR C 61 15.66 10.14 -17.42
N THR C 62 16.88 10.04 -16.88
CA THR C 62 17.11 9.08 -15.80
C THR C 62 16.69 9.67 -14.46
N ILE C 63 16.12 8.81 -13.63
CA ILE C 63 15.53 9.22 -12.40
C ILE C 63 16.43 8.69 -11.28
N VAL C 64 16.66 9.54 -10.27
CA VAL C 64 17.50 9.23 -9.15
C VAL C 64 16.68 8.55 -8.05
N GLY C 65 17.30 7.57 -7.40
CA GLY C 65 16.65 6.81 -6.36
C GLY C 65 15.98 5.55 -6.87
N GLN C 66 15.21 4.91 -5.99
CA GLN C 66 14.57 3.65 -6.32
C GLN C 66 13.13 3.74 -6.79
N LYS C 67 12.55 4.91 -6.80
CA LYS C 67 11.14 4.97 -7.27
C LYS C 67 11.08 4.62 -8.76
N ALA C 68 12.15 4.98 -9.49
CA ALA C 68 12.25 4.65 -10.90
C ALA C 68 13.69 4.85 -11.35
N ASP C 69 13.98 4.42 -12.56
CA ASP C 69 15.29 4.59 -13.18
C ASP C 69 15.25 5.45 -14.45
N ILE C 70 14.12 5.44 -15.18
CA ILE C 70 14.02 6.16 -16.44
C ILE C 70 12.60 6.59 -16.64
N LEU C 71 12.44 7.79 -17.20
CA LEU C 71 11.17 8.38 -17.51
C LEU C 71 11.16 8.66 -19.00
N PHE C 72 10.08 8.23 -19.64
CA PHE C 72 9.70 8.66 -20.99
C PHE C 72 8.46 9.53 -20.89
N MET C 73 8.57 10.81 -21.26
CA MET C 73 7.44 11.70 -21.24
C MET C 73 7.11 12.01 -22.70
N ILE C 74 5.88 11.70 -23.07
CA ILE C 74 5.45 11.64 -24.47
C ILE C 74 4.20 12.48 -24.68
N LEU C 75 4.27 13.47 -25.56
CA LEU C 75 3.09 14.28 -25.95
C LEU C 75 2.64 13.90 -27.38
N ARG C 76 1.35 13.62 -27.54
CA ARG C 76 0.81 13.31 -28.86
C ARG C 76 -0.61 13.87 -29.00
N PRO C 77 -1.10 14.00 -30.24
CA PRO C 77 -2.39 14.62 -30.50
C PRO C 77 -3.59 13.84 -30.01
N THR C 78 -3.43 12.55 -29.87
CA THR C 78 -4.55 11.68 -29.52
C THR C 78 -4.12 10.71 -28.42
N LEU C 79 -5.11 10.19 -27.70
CA LEU C 79 -4.85 9.14 -26.74
C LEU C 79 -4.48 7.84 -27.43
N ASP C 80 -4.99 7.65 -28.65
CA ASP C 80 -4.59 6.49 -29.42
C ASP C 80 -3.12 6.41 -29.72
N GLU C 81 -2.52 7.54 -30.06
CA GLU C 81 -1.11 7.57 -30.32
C GLU C 81 -0.27 7.30 -29.05
N LEU C 82 -0.72 7.73 -27.89
CA LEU C 82 -0.06 7.33 -26.64
C LEU C 82 -0.11 5.82 -26.46
N HIS C 83 -1.25 5.20 -26.74
CA HIS C 83 -1.33 3.77 -26.72
C HIS C 83 -0.38 3.11 -27.67
N GLU C 84 -0.30 3.61 -28.91
CA GLU C 84 0.55 3.04 -29.91
C GLU C 84 2.04 3.13 -29.48
N ILE C 85 2.44 4.29 -28.97
CA ILE C 85 3.80 4.49 -28.51
C ILE C 85 4.13 3.54 -27.37
N GLU C 86 3.27 3.48 -26.35
CA GLU C 86 3.50 2.57 -25.21
C GLU C 86 3.64 1.13 -25.68
N THR C 87 2.80 0.72 -26.63
CA THR C 87 2.81 -0.64 -27.14
C THR C 87 4.11 -0.93 -27.90
N ALA C 88 4.48 -0.02 -28.82
CA ALA C 88 5.73 -0.13 -29.55
C ALA C 88 6.93 -0.27 -28.65
N LEU C 89 6.96 0.56 -27.61
CA LEU C 89 8.02 0.53 -26.63
C LEU C 89 8.03 -0.85 -26.00
N ASN C 90 6.88 -1.29 -25.49
CA ASN C 90 6.85 -2.58 -24.79
C ASN C 90 7.19 -3.79 -25.66
N LYS C 91 7.00 -3.69 -26.97
CA LYS C 91 7.43 -4.76 -27.85
C LYS C 91 8.92 -4.81 -28.13
N THR C 92 9.66 -3.77 -27.77
CA THR C 92 11.11 -3.83 -27.92
C THR C 92 11.72 -4.84 -26.91
N LYS C 93 12.93 -5.33 -27.24
CA LYS C 93 13.64 -6.20 -26.38
C LYS C 93 14.04 -5.52 -25.08
N LEU C 94 14.46 -4.25 -25.17
CA LEU C 94 14.95 -3.52 -24.02
C LEU C 94 13.82 -3.42 -23.01
N ALA C 95 12.59 -3.25 -23.50
CA ALA C 95 11.45 -3.05 -22.60
C ALA C 95 11.16 -4.22 -21.69
N ASP C 96 11.61 -5.42 -22.04
CA ASP C 96 11.54 -6.55 -21.15
C ASP C 96 12.26 -6.34 -19.85
N TYR C 97 13.26 -5.46 -19.89
CA TYR C 97 14.09 -5.18 -18.71
C TYR C 97 13.70 -3.85 -18.04
N LEU C 98 12.69 -3.21 -18.58
CA LEU C 98 12.18 -1.97 -18.05
C LEU C 98 10.83 -2.25 -17.42
N LEU C 99 10.92 -2.52 -16.14
CA LEU C 99 9.83 -2.97 -15.32
C LEU C 99 8.94 -1.80 -14.89
N PRO C 100 7.68 -2.07 -14.59
CA PRO C 100 6.79 -1.03 -14.14
C PRO C 100 7.26 -0.34 -12.86
N ALA C 101 7.00 0.95 -12.80
CA ALA C 101 7.33 1.79 -11.65
C ALA C 101 6.23 2.78 -11.33
N TYR C 102 5.86 3.63 -12.30
CA TYR C 102 4.79 4.58 -12.15
C TYR C 102 4.41 5.07 -13.52
N SER C 103 3.21 5.61 -13.62
CA SER C 103 2.77 6.20 -14.89
C SER C 103 1.72 7.24 -14.60
N TYR C 104 1.51 8.11 -15.58
CA TYR C 104 0.53 9.19 -15.50
C TYR C 104 0.01 9.51 -16.88
N VAL C 105 -1.30 9.73 -16.98
CA VAL C 105 -1.97 10.04 -18.26
C VAL C 105 -2.76 11.33 -18.06
N SER C 106 -2.53 12.32 -18.93
CA SER C 106 -3.07 13.66 -18.70
C SER C 106 -3.09 14.41 -20.04
N VAL C 107 -3.50 15.68 -20.00
CA VAL C 107 -3.60 16.46 -21.26
C VAL C 107 -3.14 17.86 -20.93
N VAL C 108 -2.30 18.40 -21.81
CA VAL C 108 -1.84 19.77 -21.64
C VAL C 108 -3.06 20.66 -21.51
N GLU C 109 -3.03 21.56 -20.54
CA GLU C 109 -4.21 22.33 -20.18
C GLU C 109 -3.76 23.78 -19.99
N LEU C 110 -4.49 24.72 -20.59
CA LEU C 110 -4.23 26.16 -20.37
C LEU C 110 -5.47 26.87 -19.86
N SER C 111 -5.33 27.70 -18.82
CA SER C 111 -6.42 28.60 -18.38
C SER C 111 -6.15 30.07 -18.73
N ASN C 112 -4.92 30.50 -18.53
CA ASN C 112 -4.49 31.90 -18.81
C ASN C 112 -4.21 32.16 -20.27
N TYR C 113 -5.15 32.82 -20.95
CA TYR C 113 -4.82 33.45 -22.22
C TYR C 113 -5.73 34.66 -22.41
N LEU C 114 -5.32 35.62 -23.24
CA LEU C 114 -6.16 36.79 -23.50
C LEU C 114 -7.23 36.38 -24.51
N ALA C 115 -8.46 36.42 -24.05
CA ALA C 115 -9.62 35.98 -24.82
C ALA C 115 -10.40 37.22 -25.29
N SER C 116 -10.52 37.35 -26.61
CA SER C 116 -11.17 38.52 -27.23
C SER C 116 -12.56 38.15 -27.75
N GLY C 117 -12.73 36.88 -28.07
CA GLY C 117 -13.90 36.46 -28.83
C GLY C 117 -13.68 36.40 -30.33
N SER C 118 -12.74 37.18 -30.88
CA SER C 118 -12.75 37.47 -32.33
C SER C 118 -11.85 36.53 -33.09
N GLU C 119 -11.34 35.53 -32.39
CA GLU C 119 -10.40 34.60 -32.99
C GLU C 119 -10.59 33.23 -32.36
N ASP C 120 -10.26 32.21 -33.13
CA ASP C 120 -10.20 30.86 -32.59
C ASP C 120 -8.82 30.74 -31.91
N PRO C 121 -8.79 30.60 -30.59
CA PRO C 121 -7.52 30.60 -29.86
C PRO C 121 -6.65 29.38 -30.19
N TYR C 122 -7.26 28.35 -30.77
CA TYR C 122 -6.50 27.17 -31.19
C TYR C 122 -5.71 27.42 -32.44
N GLN C 123 -5.96 28.57 -33.08
CA GLN C 123 -5.19 28.99 -34.24
C GLN C 123 -4.26 30.17 -33.99
N ILE C 124 -4.23 30.68 -32.76
CA ILE C 124 -3.32 31.76 -32.40
C ILE C 124 -1.94 31.16 -32.08
N PRO C 125 -0.89 31.65 -32.73
CA PRO C 125 0.45 31.11 -32.47
C PRO C 125 0.88 31.11 -31.01
N GLU C 126 0.60 32.19 -30.31
CA GLU C 126 1.11 32.37 -28.97
C GLU C 126 0.36 31.45 -27.97
N VAL C 127 -0.76 30.88 -28.42
CA VAL C 127 -1.51 29.88 -27.63
C VAL C 127 -1.11 28.48 -28.08
N ARG C 128 -0.95 28.30 -29.39
CA ARG C 128 -0.65 26.96 -29.94
C ARG C 128 0.67 26.49 -29.38
N ARG C 129 1.62 27.41 -29.25
CA ARG C 129 2.96 26.98 -28.81
C ARG C 129 2.92 26.52 -27.35
N ARG C 130 1.90 26.90 -26.60
CA ARG C 130 1.68 26.38 -25.24
C ARG C 130 0.86 25.05 -25.21
N LEU C 131 -0.12 24.97 -26.09
CA LEU C 131 -0.94 23.75 -26.17
C LEU C 131 -0.15 22.58 -26.66
N TYR C 132 0.77 22.86 -27.56
CA TYR C 132 1.47 21.85 -28.33
C TYR C 132 2.98 22.11 -28.18
N PRO C 133 3.46 22.00 -26.96
CA PRO C 133 4.80 22.48 -26.63
C PRO C 133 5.88 21.54 -27.11
N ILE C 134 7.00 22.08 -27.56
CA ILE C 134 8.21 21.30 -27.63
C ILE C 134 8.88 21.30 -26.24
N LEU C 135 9.03 20.13 -25.65
CA LEU C 135 9.51 20.04 -24.28
C LEU C 135 10.94 20.53 -24.20
N PRO C 136 11.25 21.22 -23.09
CA PRO C 136 12.57 21.77 -22.82
C PRO C 136 13.59 20.65 -22.78
N LYS C 137 14.79 20.91 -23.26
CA LYS C 137 15.88 19.97 -23.17
C LYS C 137 16.85 20.36 -22.04
N THR C 138 16.32 20.52 -20.84
CA THR C 138 17.08 21.01 -19.67
C THR C 138 17.83 19.90 -18.99
N ASN C 139 18.81 20.25 -18.16
CA ASN C 139 19.66 19.29 -17.51
C ASN C 139 18.81 18.36 -16.63
N TYR C 140 17.79 18.95 -16.02
CA TYR C 140 16.98 18.23 -15.02
C TYR C 140 15.51 18.31 -15.30
N ILE C 141 14.79 17.35 -14.73
CA ILE C 141 13.29 17.34 -14.72
C ILE C 141 12.79 16.98 -13.29
N CYS C 142 11.58 17.38 -12.97
CA CYS C 142 10.87 16.99 -11.75
C CYS C 142 9.41 16.78 -12.15
N PHE C 143 8.79 15.70 -11.68
CA PHE C 143 7.38 15.47 -11.91
C PHE C 143 6.74 15.17 -10.57
N TYR C 144 5.58 15.77 -10.35
CA TYR C 144 4.64 15.31 -9.30
C TYR C 144 3.23 15.60 -9.73
N PRO C 145 2.30 14.79 -9.25
CA PRO C 145 0.86 15.00 -9.42
C PRO C 145 0.25 15.65 -8.23
N MET C 146 -0.89 16.32 -8.43
CA MET C 146 -1.54 17.09 -7.40
C MET C 146 -3.05 16.92 -7.42
N ASP C 147 -3.66 17.14 -6.25
CA ASP C 147 -5.11 17.40 -6.22
C ASP C 147 -5.31 18.75 -5.59
N LYS C 148 -6.48 19.36 -5.80
CA LYS C 148 -6.94 20.43 -4.88
C LYS C 148 -7.77 19.77 -3.78
N ARG C 149 -7.51 20.16 -2.53
CA ARG C 149 -8.09 19.57 -1.35
C ARG C 149 -9.58 19.77 -1.27
N ARG C 150 -10.28 18.76 -0.74
CA ARG C 150 -11.75 18.83 -0.52
C ARG C 150 -12.03 18.26 0.86
N GLN C 151 -11.52 18.93 1.86
CA GLN C 151 -11.61 18.41 3.24
C GLN C 151 -12.10 19.51 4.15
N GLY C 152 -13.19 19.24 4.87
CA GLY C 152 -13.63 20.15 5.94
C GLY C 152 -13.80 21.54 5.41
N ASN C 153 -13.13 22.47 6.08
CA ASN C 153 -13.19 23.88 5.76
C ASN C 153 -12.16 24.28 4.67
N ASP C 154 -11.35 23.31 4.22
CA ASP C 154 -10.39 23.52 3.11
C ASP C 154 -10.92 22.77 1.91
N ASN C 155 -12.03 23.24 1.36
CA ASN C 155 -12.60 22.62 0.16
C ASN C 155 -12.61 23.58 -1.01
N TRP C 156 -11.64 23.38 -1.88
CA TRP C 156 -11.43 24.24 -3.04
C TRP C 156 -12.64 24.38 -3.91
N TYR C 157 -13.36 23.28 -4.07
CA TYR C 157 -14.43 23.22 -5.04
C TYR C 157 -15.69 23.84 -4.47
N MET C 158 -15.70 24.12 -3.18
CA MET C 158 -16.84 24.80 -2.55
C MET C 158 -16.61 26.31 -2.47
N LEU C 159 -15.43 26.79 -2.87
CA LEU C 159 -15.18 28.25 -2.88
C LEU C 159 -15.95 28.89 -4.01
N SER C 160 -16.10 30.22 -3.94
CA SER C 160 -16.55 30.98 -5.09
C SER C 160 -15.48 31.09 -6.15
N MET C 161 -15.92 31.38 -7.36
CA MET C 161 -15.01 31.67 -8.43
C MET C 161 -14.06 32.79 -8.04
N GLU C 162 -14.56 33.78 -7.30
CA GLU C 162 -13.75 34.96 -6.97
C GLU C 162 -12.68 34.61 -5.97
N GLN C 163 -13.05 33.73 -5.05
CA GLN C 163 -12.12 33.30 -4.00
C GLN C 163 -10.99 32.45 -4.62
N ARG C 164 -11.34 31.57 -5.54
CA ARG C 164 -10.32 30.86 -6.29
C ARG C 164 -9.42 31.75 -7.12
N ARG C 165 -10.00 32.75 -7.79
CA ARG C 165 -9.20 33.65 -8.59
C ARG C 165 -8.20 34.43 -7.73
N GLU C 166 -8.61 34.86 -6.54
CA GLU C 166 -7.70 35.58 -5.66
C GLU C 166 -6.59 34.66 -5.18
N LEU C 167 -6.95 33.43 -4.81
CA LEU C 167 -5.96 32.47 -4.33
C LEU C 167 -4.94 32.16 -5.38
N MET C 168 -5.36 32.08 -6.63
CA MET C 168 -4.47 31.73 -7.71
C MET C 168 -3.55 32.90 -8.11
N ARG C 169 -3.96 34.12 -7.78
CA ARG C 169 -3.11 35.30 -7.93
C ARG C 169 -1.75 35.10 -7.31
N ALA C 170 -1.76 34.79 -6.02
CA ALA C 170 -0.53 34.66 -5.27
C ALA C 170 0.36 33.63 -5.92
N HIS C 171 -0.28 32.55 -6.34
CA HIS C 171 0.42 31.41 -6.91
C HIS C 171 1.15 31.83 -8.19
N GLY C 172 0.43 32.56 -9.04
CA GLY C 172 0.98 33.18 -10.22
C GLY C 172 2.13 34.10 -9.93
N MET C 173 2.05 34.86 -8.86
CA MET C 173 3.12 35.79 -8.52
C MET C 173 4.38 35.08 -8.03
N THR C 174 4.21 33.95 -7.33
CA THR C 174 5.38 33.16 -6.92
C THR C 174 6.08 32.65 -8.16
N GLY C 175 5.30 32.10 -9.08
CA GLY C 175 5.84 31.61 -10.34
C GLY C 175 6.65 32.66 -11.09
N ARG C 176 6.11 33.87 -11.17
CA ARG C 176 6.83 34.91 -11.91
C ARG C 176 8.24 35.09 -11.42
N LYS C 177 8.45 34.85 -10.14
CA LYS C 177 9.78 35.04 -9.56
C LYS C 177 10.81 34.10 -10.23
N TYR C 178 10.34 33.01 -10.84
CA TYR C 178 11.25 32.03 -11.42
C TYR C 178 11.30 32.05 -12.95
N ALA C 179 10.82 33.16 -13.53
CA ALA C 179 10.99 33.44 -14.95
C ALA C 179 12.41 33.23 -15.37
N GLY C 180 12.57 32.38 -16.37
CA GLY C 180 13.86 32.09 -16.92
C GLY C 180 14.67 31.07 -16.18
N LYS C 181 14.20 30.65 -15.01
CA LYS C 181 14.89 29.63 -14.20
C LYS C 181 14.26 28.22 -14.28
N VAL C 182 12.96 28.21 -14.38
CA VAL C 182 12.22 26.97 -14.39
C VAL C 182 11.08 27.16 -15.40
N THR C 183 10.79 26.11 -16.18
CA THR C 183 9.51 26.06 -16.92
C THR C 183 8.68 24.91 -16.41
N GLN C 184 7.37 25.16 -16.41
CA GLN C 184 6.40 24.25 -15.85
C GLN C 184 5.42 23.89 -16.93
N ILE C 185 5.18 22.60 -17.07
CA ILE C 185 4.14 22.09 -17.97
C ILE C 185 3.05 21.50 -17.11
N ILE C 186 1.85 22.11 -17.16
CA ILE C 186 0.71 21.68 -16.33
C ILE C 186 -0.13 20.87 -17.27
N THR C 187 -0.44 19.65 -16.84
CA THR C 187 -1.38 18.85 -17.53
C THR C 187 -2.58 18.58 -16.61
N GLY C 188 -3.75 18.44 -17.19
CA GLY C 188 -4.93 18.09 -16.43
C GLY C 188 -5.28 16.65 -16.56
N SER C 189 -5.61 16.00 -15.43
CA SER C 189 -5.91 14.60 -15.43
C SER C 189 -7.22 14.24 -14.73
N VAL C 190 -8.06 15.22 -14.41
CA VAL C 190 -9.38 14.90 -13.90
C VAL C 190 -10.15 14.08 -14.90
N GLY C 191 -10.56 12.89 -14.48
CA GLY C 191 -11.28 12.00 -15.38
C GLY C 191 -10.34 11.08 -16.14
N LEU C 192 -9.02 11.26 -15.99
CA LEU C 192 -8.05 10.53 -16.83
C LEU C 192 -7.06 9.70 -16.00
N ASP C 193 -6.77 10.15 -14.78
CA ASP C 193 -5.82 9.44 -13.95
C ASP C 193 -6.16 9.81 -12.51
N ASP C 194 -5.30 9.39 -11.56
CA ASP C 194 -5.68 9.29 -10.15
C ASP C 194 -5.72 10.61 -9.38
N PHE C 195 -4.92 11.58 -9.80
CA PHE C 195 -4.93 12.95 -9.24
C PHE C 195 -5.58 13.90 -10.23
N GLU C 196 -5.51 15.22 -9.99
CA GLU C 196 -6.26 16.16 -10.81
C GLU C 196 -5.39 16.84 -11.81
N TRP C 197 -4.12 17.06 -11.44
CA TRP C 197 -3.12 17.66 -12.36
C TRP C 197 -1.77 16.94 -12.28
N GLY C 198 -1.06 16.92 -13.40
CA GLY C 198 0.37 16.66 -13.37
C GLY C 198 1.16 17.93 -13.46
N VAL C 199 2.28 17.96 -12.74
CA VAL C 199 3.18 19.09 -12.82
C VAL C 199 4.55 18.62 -13.22
N THR C 200 5.03 19.06 -14.39
CA THR C 200 6.40 18.74 -14.81
C THR C 200 7.18 20.05 -14.85
N LEU C 201 8.30 20.05 -14.13
CA LEU C 201 9.25 21.19 -14.08
C LEU C 201 10.53 20.82 -14.82
N PHE C 202 11.08 21.83 -15.49
CA PHE C 202 12.29 21.70 -16.27
C PHE C 202 13.24 22.85 -15.90
N SER C 203 14.43 22.49 -15.47
CA SER C 203 15.45 23.51 -15.14
C SER C 203 16.84 22.99 -15.38
N ASP C 204 17.79 23.92 -15.64
CA ASP C 204 19.15 23.51 -15.65
C ASP C 204 19.79 23.49 -14.26
N ASP C 205 19.04 23.86 -13.22
CA ASP C 205 19.51 23.79 -11.84
C ASP C 205 18.46 23.13 -10.96
N ALA C 206 18.77 21.91 -10.55
CA ALA C 206 17.80 21.12 -9.82
C ALA C 206 17.44 21.73 -8.49
N LEU C 207 18.30 22.61 -7.93
CA LEU C 207 17.90 23.27 -6.69
C LEU C 207 16.70 24.14 -6.89
N GLN C 208 16.52 24.64 -8.11
CA GLN C 208 15.37 25.49 -8.40
C GLN C 208 14.04 24.80 -8.19
N PHE C 209 14.03 23.47 -8.29
CA PHE C 209 12.79 22.72 -8.04
C PHE C 209 12.46 22.88 -6.56
N LYS C 210 13.45 22.72 -5.69
CA LYS C 210 13.25 22.78 -4.24
C LYS C 210 12.89 24.16 -3.81
N LYS C 211 13.56 25.13 -4.42
CA LYS C 211 13.27 26.53 -4.11
C LYS C 211 11.85 26.93 -4.47
N LEU C 212 11.45 26.54 -5.66
CA LEU C 212 10.15 26.90 -6.18
C LEU C 212 9.01 26.23 -5.48
N VAL C 213 9.13 24.92 -5.30
CA VAL C 213 8.04 24.16 -4.66
C VAL C 213 7.90 24.53 -3.18
N TYR C 214 9.00 24.84 -2.53
CA TYR C 214 8.95 25.23 -1.09
C TYR C 214 8.33 26.60 -0.97
N GLU C 215 8.75 27.53 -1.83
CA GLU C 215 8.18 28.86 -1.80
C GLU C 215 6.68 28.85 -2.05
N MET C 216 6.26 28.05 -3.01
CA MET C 216 4.82 27.95 -3.32
C MET C 216 4.02 27.48 -2.16
N ARG C 217 4.66 26.65 -1.33
CA ARG C 217 3.95 26.03 -0.23
C ARG C 217 3.50 27.00 0.85
N PHE C 218 4.08 28.21 0.84
CA PHE C 218 3.64 29.26 1.74
C PHE C 218 2.54 30.12 1.17
N ASP C 219 2.19 29.94 -0.10
CA ASP C 219 0.99 30.58 -0.63
C ASP C 219 -0.23 29.85 -0.12
N GLU C 220 -1.30 30.57 0.21
CA GLU C 220 -2.45 29.94 0.81
C GLU C 220 -3.01 28.84 -0.07
N VAL C 221 -3.04 29.08 -1.38
CA VAL C 221 -3.62 28.09 -2.29
C VAL C 221 -2.92 26.74 -2.10
N SER C 222 -1.62 26.75 -1.88
CA SER C 222 -0.91 25.52 -1.79
C SER C 222 -0.99 25.01 -0.36
N ALA C 223 -0.77 25.93 0.59
CA ALA C 223 -0.71 25.55 2.00
C ALA C 223 -2.01 24.87 2.44
N ARG C 224 -3.14 25.49 2.09
CA ARG C 224 -4.43 25.00 2.52
C ARG C 224 -5.04 24.01 1.56
N PHE C 225 -4.80 24.20 0.27
CA PHE C 225 -5.48 23.41 -0.76
C PHE C 225 -4.64 22.43 -1.59
N GLY C 226 -3.33 22.38 -1.38
CA GLY C 226 -2.51 21.40 -2.10
C GLY C 226 -2.43 20.03 -1.51
N GLU C 227 -2.65 19.02 -2.37
CA GLU C 227 -2.43 17.65 -2.03
C GLU C 227 -1.47 17.10 -3.07
N PHE C 228 -0.33 16.57 -2.62
CA PHE C 228 0.75 16.21 -3.54
C PHE C 228 1.00 14.70 -3.48
N GLY C 229 1.33 14.15 -4.64
CA GLY C 229 1.73 12.79 -4.74
C GLY C 229 3.25 12.65 -4.59
N SER C 230 3.79 11.61 -5.24
CA SER C 230 5.24 11.38 -5.24
C SER C 230 5.95 12.36 -6.14
N PHE C 231 7.15 12.76 -5.75
CA PHE C 231 8.05 13.58 -6.57
C PHE C 231 9.21 12.76 -7.14
N PHE C 232 9.40 12.93 -8.45
CA PHE C 232 10.45 12.21 -9.16
C PHE C 232 11.38 13.25 -9.76
N VAL C 233 12.68 13.13 -9.52
CA VAL C 233 13.66 14.02 -10.14
C VAL C 233 14.70 13.29 -10.89
N GLY C 234 15.15 13.90 -11.98
CA GLY C 234 15.96 13.24 -12.96
C GLY C 234 16.89 14.11 -13.75
N THR C 235 17.73 13.44 -14.52
CA THR C 235 18.78 14.08 -15.32
C THR C 235 18.61 13.65 -16.77
N ARG C 236 18.88 14.57 -17.70
CA ARG C 236 18.59 14.28 -19.09
C ARG C 236 19.37 13.06 -19.49
N LEU C 237 18.75 12.26 -20.36
CA LEU C 237 19.41 11.16 -21.02
C LEU C 237 19.23 11.36 -22.52
N PRO C 238 20.15 12.08 -23.12
CA PRO C 238 20.06 12.24 -24.55
C PRO C 238 20.39 10.92 -25.21
N MET C 239 20.00 10.75 -26.45
CA MET C 239 20.18 9.43 -27.07
C MET C 239 21.65 9.00 -27.23
N GLU C 240 22.55 9.97 -27.35
CA GLU C 240 23.97 9.69 -27.49
C GLU C 240 24.57 9.08 -26.27
N ASN C 241 23.85 9.20 -25.13
CA ASN C 241 24.31 8.60 -23.89
C ASN C 241 23.66 7.24 -23.56
N VAL C 242 22.67 6.81 -24.35
CA VAL C 242 21.93 5.58 -24.07
C VAL C 242 22.77 4.35 -24.08
N SER C 243 23.71 4.26 -25.02
CA SER C 243 24.58 3.12 -25.11
C SER C 243 25.48 2.95 -23.93
N SER C 244 25.99 4.05 -23.42
CA SER C 244 26.85 3.99 -22.28
C SER C 244 26.11 3.78 -20.99
N PHE C 245 24.92 4.32 -20.92
CA PHE C 245 24.10 4.10 -19.71
C PHE C 245 23.75 2.64 -19.51
N PHE C 246 23.31 1.97 -20.58
CA PHE C 246 22.90 0.58 -20.50
C PHE C 246 24.03 -0.41 -20.64
N HIS C 247 25.21 0.07 -21.00
CA HIS C 247 26.33 -0.86 -21.13
C HIS C 247 26.60 -1.60 -19.85
N VAL C 248 26.69 -2.92 -20.01
CA VAL C 248 27.30 -3.79 -19.00
C VAL C 248 28.22 -4.79 -19.72
N GLN D 6 -35.24 1.56 -3.35
CA GLN D 6 -35.69 2.51 -4.38
C GLN D 6 -35.08 2.11 -5.72
N THR D 7 -33.94 1.41 -5.70
CA THR D 7 -33.21 1.12 -6.97
C THR D 7 -33.68 -0.17 -7.62
N LEU D 8 -33.59 -0.22 -8.95
CA LEU D 8 -33.91 -1.42 -9.73
C LEU D 8 -32.57 -1.97 -10.15
N ASP D 9 -32.38 -3.26 -9.94
CA ASP D 9 -31.11 -3.91 -10.28
C ASP D 9 -31.15 -4.68 -11.59
N GLY D 10 -30.10 -4.52 -12.38
CA GLY D 10 -30.01 -5.17 -13.66
C GLY D 10 -28.93 -6.24 -13.69
N TRP D 11 -28.24 -6.27 -14.81
CA TRP D 11 -27.15 -7.21 -15.01
C TRP D 11 -25.97 -6.98 -14.07
N TYR D 12 -25.42 -8.10 -13.58
CA TYR D 12 -24.15 -8.10 -12.88
C TYR D 12 -23.04 -7.67 -13.81
N CYS D 13 -22.02 -7.05 -13.22
CA CYS D 13 -20.93 -6.44 -14.01
C CYS D 13 -19.59 -6.82 -13.41
N LEU D 14 -18.70 -7.27 -14.28
CA LEU D 14 -17.27 -7.45 -14.01
C LEU D 14 -16.45 -6.51 -14.88
N HIS D 15 -15.54 -5.73 -14.23
CA HIS D 15 -14.42 -5.10 -14.92
C HIS D 15 -13.17 -5.85 -14.58
N ASP D 16 -12.59 -6.48 -15.57
CA ASP D 16 -11.40 -7.29 -15.42
C ASP D 16 -10.22 -6.67 -16.15
N PHE D 17 -9.32 -6.04 -15.41
CA PHE D 17 -8.15 -5.37 -16.02
C PHE D 17 -6.94 -6.29 -15.92
N ARG D 18 -6.10 -6.29 -16.95
CA ARG D 18 -4.91 -7.09 -16.99
C ARG D 18 -3.74 -6.33 -17.61
N THR D 19 -2.56 -6.70 -17.13
CA THR D 19 -1.29 -6.21 -17.65
C THR D 19 -0.63 -7.29 -18.49
N ILE D 20 -0.06 -6.90 -19.61
CA ILE D 20 0.51 -7.91 -20.54
C ILE D 20 1.98 -8.21 -20.19
N ASP D 21 2.28 -9.50 -20.02
CA ASP D 21 3.65 -9.99 -19.80
C ASP D 21 4.33 -10.22 -21.14
N TRP D 22 4.74 -9.12 -21.75
CA TRP D 22 5.27 -9.16 -23.09
C TRP D 22 6.52 -10.05 -23.13
N SER D 23 7.36 -9.98 -22.10
CA SER D 23 8.62 -10.72 -22.09
C SER D 23 8.38 -12.22 -22.23
N ALA D 24 7.45 -12.71 -21.42
CA ALA D 24 7.08 -14.12 -21.48
C ALA D 24 6.42 -14.49 -22.79
N TRP D 25 5.47 -13.67 -23.22
CA TRP D 25 4.76 -13.90 -24.49
C TRP D 25 5.74 -14.04 -25.65
N LYS D 26 6.77 -13.19 -25.69
CA LYS D 26 7.72 -13.25 -26.80
C LYS D 26 8.51 -14.57 -26.81
N THR D 27 8.61 -15.28 -25.69
CA THR D 27 9.39 -16.54 -25.66
C THR D 27 8.57 -17.71 -26.10
N LEU D 28 7.26 -17.54 -26.11
CA LEU D 28 6.39 -18.59 -26.63
C LEU D 28 6.62 -18.72 -28.12
N PRO D 29 6.80 -19.95 -28.63
CA PRO D 29 6.94 -20.15 -30.07
C PRO D 29 5.78 -19.58 -30.84
N ASN D 30 6.08 -19.06 -32.03
CA ASN D 30 5.11 -18.43 -32.89
C ASN D 30 3.80 -19.23 -33.10
N GLU D 31 3.93 -20.55 -33.20
CA GLU D 31 2.78 -21.38 -33.58
C GLU D 31 1.83 -21.38 -32.36
N GLU D 32 2.40 -21.32 -31.14
CA GLU D 32 1.64 -21.36 -29.89
C GLU D 32 1.02 -19.99 -29.61
N ARG D 33 1.71 -18.92 -29.99
CA ARG D 33 1.07 -17.62 -29.96
C ARG D 33 -0.15 -17.53 -30.86
N GLU D 34 -0.05 -17.93 -32.13
CA GLU D 34 -1.17 -17.82 -33.05
C GLU D 34 -2.34 -18.65 -32.55
N ALA D 35 -2.03 -19.82 -32.02
CA ALA D 35 -3.06 -20.70 -31.45
C ALA D 35 -3.75 -20.02 -30.27
N ALA D 36 -2.97 -19.37 -29.45
CA ALA D 36 -3.50 -18.61 -28.29
C ALA D 36 -4.39 -17.47 -28.70
N ILE D 37 -4.00 -16.73 -29.72
CA ILE D 37 -4.85 -15.68 -30.21
C ILE D 37 -6.16 -16.20 -30.79
N SER D 38 -6.10 -17.25 -31.60
CA SER D 38 -7.31 -17.90 -32.11
C SER D 38 -8.24 -18.45 -31.05
N GLU D 39 -7.67 -19.05 -30.01
CA GLU D 39 -8.42 -19.51 -28.84
C GLU D 39 -9.13 -18.35 -28.16
N PHE D 40 -8.41 -17.26 -27.91
CA PHE D 40 -9.05 -16.11 -27.30
C PHE D 40 -10.10 -15.49 -28.19
N LEU D 41 -9.84 -15.41 -29.49
CA LEU D 41 -10.90 -14.89 -30.37
C LEU D 41 -12.14 -15.76 -30.40
N ALA D 42 -11.94 -17.07 -30.29
CA ALA D 42 -13.06 -18.01 -30.22
C ALA D 42 -13.90 -17.81 -28.98
N LEU D 43 -13.27 -17.50 -27.86
CA LEU D 43 -13.97 -17.11 -26.65
C LEU D 43 -14.78 -15.83 -26.81
N VAL D 44 -14.15 -14.77 -27.31
CA VAL D 44 -14.89 -13.56 -27.56
C VAL D 44 -16.07 -13.77 -28.53
N ASP D 45 -15.92 -14.65 -29.51
CA ASP D 45 -17.07 -14.99 -30.33
C ASP D 45 -18.26 -15.53 -29.55
N GLN D 46 -18.01 -16.32 -28.51
CA GLN D 46 -19.06 -16.78 -27.60
C GLN D 46 -19.72 -15.57 -26.94
N TRP D 47 -18.90 -14.62 -26.50
CA TRP D 47 -19.44 -13.40 -25.86
C TRP D 47 -20.33 -12.62 -26.84
N GLU D 48 -19.94 -12.61 -28.11
CA GLU D 48 -20.68 -11.86 -29.12
C GLU D 48 -22.02 -12.49 -29.45
N THR D 49 -22.08 -13.80 -29.40
CA THR D 49 -23.34 -14.52 -29.53
C THR D 49 -24.24 -14.21 -28.36
N THR D 50 -23.68 -14.27 -27.15
CA THR D 50 -24.45 -13.87 -25.99
C THR D 50 -25.02 -12.46 -26.11
N GLU D 51 -24.21 -11.48 -26.53
CA GLU D 51 -24.64 -10.11 -26.68
C GLU D 51 -25.67 -9.97 -27.79
N SER D 52 -25.49 -10.70 -28.89
CA SER D 52 -26.51 -10.73 -29.96
C SER D 52 -27.85 -11.26 -29.50
N GLU D 53 -27.85 -12.22 -28.58
CA GLU D 53 -29.09 -12.75 -28.05
C GLU D 53 -29.66 -11.92 -26.91
N LYS D 54 -28.96 -10.83 -26.57
CA LYS D 54 -29.40 -9.91 -25.54
C LYS D 54 -29.39 -10.62 -24.20
N GLN D 55 -28.40 -11.50 -23.96
CA GLN D 55 -28.29 -12.16 -22.70
C GLN D 55 -27.08 -11.70 -21.90
N GLY D 56 -26.42 -10.66 -22.42
CA GLY D 56 -25.32 -10.01 -21.73
C GLY D 56 -24.64 -9.08 -22.72
N SER D 57 -23.57 -8.44 -22.27
CA SER D 57 -22.85 -7.53 -23.12
C SER D 57 -21.37 -7.53 -22.68
N HIS D 58 -20.52 -6.96 -23.52
CA HIS D 58 -19.08 -6.89 -23.20
C HIS D 58 -18.43 -5.80 -23.96
N ALA D 59 -17.34 -5.29 -23.39
CA ALA D 59 -16.55 -4.22 -24.01
C ALA D 59 -15.07 -4.61 -23.81
N VAL D 60 -14.24 -4.36 -24.79
CA VAL D 60 -12.82 -4.68 -24.67
C VAL D 60 -12.02 -3.45 -25.11
N TYR D 61 -11.29 -2.84 -24.17
CA TYR D 61 -10.52 -1.64 -24.41
C TYR D 61 -9.08 -1.85 -23.99
N THR D 62 -8.16 -1.23 -24.73
CA THR D 62 -6.79 -1.11 -24.25
C THR D 62 -6.66 0.10 -23.37
N ILE D 63 -5.97 -0.10 -22.25
CA ILE D 63 -5.83 0.94 -21.22
C ILE D 63 -4.45 1.56 -21.28
N VAL D 64 -4.44 2.89 -21.24
CA VAL D 64 -3.20 3.62 -21.39
C VAL D 64 -2.52 3.77 -19.99
N GLY D 65 -1.20 3.60 -19.99
CA GLY D 65 -0.39 3.70 -18.77
C GLY D 65 -0.22 2.37 -18.08
N GLN D 66 0.35 2.39 -16.87
CA GLN D 66 0.72 1.15 -16.24
C GLN D 66 -0.31 0.48 -15.33
N LYS D 67 -1.40 1.18 -15.00
CA LYS D 67 -2.40 0.57 -14.14
C LYS D 67 -2.97 -0.68 -14.78
N ALA D 68 -2.97 -0.73 -16.11
CA ALA D 68 -3.44 -1.90 -16.89
C ALA D 68 -3.04 -1.75 -18.35
N ASP D 69 -3.19 -2.84 -19.12
CA ASP D 69 -3.07 -2.79 -20.55
C ASP D 69 -4.38 -3.07 -21.28
N ILE D 70 -5.25 -3.85 -20.62
CA ILE D 70 -6.50 -4.32 -21.25
C ILE D 70 -7.59 -4.46 -20.21
N LEU D 71 -8.78 -4.01 -20.61
CA LEU D 71 -10.00 -4.14 -19.81
C LEU D 71 -10.98 -5.04 -20.56
N PHE D 72 -11.51 -6.04 -19.88
CA PHE D 72 -12.69 -6.77 -20.34
C PHE D 72 -13.84 -6.41 -19.39
N MET D 73 -14.82 -5.68 -19.88
CA MET D 73 -15.99 -5.34 -19.08
C MET D 73 -17.12 -6.26 -19.54
N ILE D 74 -17.71 -7.01 -18.61
CA ILE D 74 -18.64 -8.10 -18.91
C ILE D 74 -19.92 -7.94 -18.12
N LEU D 75 -21.07 -7.92 -18.80
CA LEU D 75 -22.36 -7.93 -18.13
C LEU D 75 -23.05 -9.25 -18.35
N ARG D 76 -23.53 -9.83 -17.26
CA ARG D 76 -24.28 -11.08 -17.36
C ARG D 76 -25.42 -11.13 -16.36
N PRO D 77 -26.38 -12.02 -16.56
CA PRO D 77 -27.56 -12.06 -15.68
C PRO D 77 -27.34 -12.60 -14.29
N THR D 78 -26.27 -13.32 -14.08
CA THR D 78 -26.00 -13.86 -12.76
C THR D 78 -24.54 -13.63 -12.34
N LEU D 79 -24.31 -13.69 -11.02
CA LEU D 79 -22.94 -13.65 -10.51
C LEU D 79 -22.18 -14.92 -10.94
N ASP D 80 -22.89 -16.05 -11.00
CA ASP D 80 -22.25 -17.28 -11.44
C ASP D 80 -21.70 -17.18 -12.84
N GLU D 81 -22.44 -16.53 -13.72
CA GLU D 81 -22.00 -16.40 -15.12
C GLU D 81 -20.76 -15.53 -15.21
N LEU D 82 -20.66 -14.52 -14.34
CA LEU D 82 -19.43 -13.70 -14.30
C LEU D 82 -18.27 -14.53 -13.88
N HIS D 83 -18.49 -15.38 -12.92
CA HIS D 83 -17.47 -16.29 -12.49
C HIS D 83 -17.08 -17.23 -13.59
N GLU D 84 -18.06 -17.78 -14.29
CA GLU D 84 -17.78 -18.68 -15.41
C GLU D 84 -16.92 -18.04 -16.49
N ILE D 85 -17.25 -16.80 -16.85
CA ILE D 85 -16.51 -16.06 -17.86
C ILE D 85 -15.08 -15.83 -17.42
N GLU D 86 -14.90 -15.41 -16.18
CA GLU D 86 -13.55 -15.17 -15.63
C GLU D 86 -12.72 -16.44 -15.68
N THR D 87 -13.32 -17.56 -15.28
CA THR D 87 -12.63 -18.83 -15.21
C THR D 87 -12.23 -19.30 -16.60
N ALA D 88 -13.16 -19.28 -17.53
CA ALA D 88 -12.88 -19.60 -18.96
C ALA D 88 -11.74 -18.76 -19.48
N LEU D 89 -11.79 -17.48 -19.19
CA LEU D 89 -10.68 -16.58 -19.62
C LEU D 89 -9.35 -17.04 -19.01
N ASN D 90 -9.35 -17.33 -17.73
CA ASN D 90 -8.11 -17.68 -17.07
C ASN D 90 -7.55 -19.02 -17.51
N LYS D 91 -8.43 -19.86 -18.01
CA LYS D 91 -8.00 -21.15 -18.59
C LYS D 91 -7.53 -21.08 -20.07
N THR D 92 -7.62 -19.93 -20.73
CA THR D 92 -7.02 -19.76 -22.06
C THR D 92 -5.51 -19.61 -21.93
N LYS D 93 -4.78 -19.94 -23.01
CA LYS D 93 -3.34 -19.80 -22.95
C LYS D 93 -2.97 -18.34 -22.91
N LEU D 94 -3.73 -17.50 -23.61
CA LEU D 94 -3.39 -16.07 -23.64
C LEU D 94 -3.41 -15.50 -22.22
N ALA D 95 -4.35 -15.95 -21.39
CA ALA D 95 -4.49 -15.39 -20.08
C ALA D 95 -3.29 -15.61 -19.18
N ASP D 96 -2.47 -16.59 -19.50
CA ASP D 96 -1.24 -16.78 -18.75
C ASP D 96 -0.35 -15.54 -18.85
N TYR D 97 -0.53 -14.77 -19.90
CA TYR D 97 0.26 -13.57 -20.16
C TYR D 97 -0.46 -12.29 -19.81
N LEU D 98 -1.66 -12.46 -19.26
CA LEU D 98 -2.52 -11.36 -18.90
C LEU D 98 -2.63 -11.32 -17.37
N LEU D 99 -1.64 -10.65 -16.78
CA LEU D 99 -1.43 -10.65 -15.34
C LEU D 99 -2.49 -9.78 -14.64
N PRO D 100 -2.73 -10.01 -13.35
CA PRO D 100 -3.78 -9.27 -12.64
C PRO D 100 -3.34 -7.83 -12.49
N ALA D 101 -4.27 -6.92 -12.65
CA ALA D 101 -4.01 -5.53 -12.49
C ALA D 101 -5.02 -4.87 -11.56
N TYR D 102 -6.30 -5.10 -11.85
CA TYR D 102 -7.37 -4.54 -11.00
C TYR D 102 -8.68 -5.17 -11.48
N SER D 103 -9.69 -5.22 -10.60
CA SER D 103 -10.99 -5.80 -10.93
C SER D 103 -12.06 -5.06 -10.15
N TYR D 104 -13.29 -5.17 -10.66
CA TYR D 104 -14.43 -4.60 -10.00
C TYR D 104 -15.70 -5.42 -10.28
N VAL D 105 -16.41 -5.73 -9.21
CA VAL D 105 -17.66 -6.53 -9.25
C VAL D 105 -18.81 -5.69 -8.74
N SER D 106 -19.85 -5.56 -9.55
CA SER D 106 -20.94 -4.62 -9.31
C SER D 106 -22.21 -5.06 -10.05
N VAL D 107 -23.28 -4.30 -9.88
CA VAL D 107 -24.57 -4.63 -10.54
C VAL D 107 -25.15 -3.36 -11.15
N VAL D 108 -25.64 -3.46 -12.37
CA VAL D 108 -26.23 -2.27 -13.00
C VAL D 108 -27.41 -1.82 -12.13
N GLU D 109 -27.49 -0.52 -11.83
CA GLU D 109 -28.47 -0.03 -10.87
C GLU D 109 -29.17 1.19 -11.44
N LEU D 110 -30.49 1.26 -11.29
CA LEU D 110 -31.25 2.40 -11.82
C LEU D 110 -32.05 2.99 -10.69
N SER D 111 -31.97 4.30 -10.52
CA SER D 111 -32.83 4.95 -9.55
C SER D 111 -33.89 5.79 -10.22
N ASN D 112 -33.53 6.39 -11.35
CA ASN D 112 -34.41 7.32 -12.09
C ASN D 112 -35.31 6.61 -13.11
N TYR D 113 -36.57 6.44 -12.77
CA TYR D 113 -37.55 5.98 -13.77
C TYR D 113 -38.96 6.41 -13.33
N LEU D 114 -39.88 6.51 -14.29
CA LEU D 114 -41.25 6.93 -13.96
C LEU D 114 -42.02 5.71 -13.41
N ALA D 115 -42.27 5.77 -12.12
CA ALA D 115 -42.90 4.67 -11.40
C ALA D 115 -44.39 4.98 -11.26
N SER D 116 -45.21 4.20 -11.92
CA SER D 116 -46.67 4.40 -11.86
C SER D 116 -47.32 3.50 -10.82
N GLY D 117 -46.66 2.41 -10.48
CA GLY D 117 -47.32 1.33 -9.73
C GLY D 117 -48.12 0.32 -10.54
N SER D 118 -48.46 0.62 -11.79
CA SER D 118 -49.39 -0.24 -12.48
C SER D 118 -48.71 -1.21 -13.41
N GLU D 119 -47.38 -1.31 -13.35
CA GLU D 119 -46.64 -2.14 -14.28
C GLU D 119 -45.45 -2.69 -13.54
N ASP D 120 -44.97 -3.83 -13.98
CA ASP D 120 -43.74 -4.36 -13.44
C ASP D 120 -42.61 -3.72 -14.25
N PRO D 121 -41.81 -2.84 -13.66
CA PRO D 121 -40.83 -2.06 -14.46
C PRO D 121 -39.73 -2.90 -15.08
N TYR D 122 -39.57 -4.11 -14.56
CA TYR D 122 -38.67 -5.08 -15.14
C TYR D 122 -39.17 -5.62 -16.45
N GLN D 123 -40.42 -5.31 -16.78
CA GLN D 123 -41.00 -5.74 -18.06
C GLN D 123 -41.30 -4.58 -19.01
N ILE D 124 -40.91 -3.36 -18.64
CA ILE D 124 -41.16 -2.16 -19.46
C ILE D 124 -39.92 -1.95 -20.38
N PRO D 125 -40.12 -1.84 -21.68
CA PRO D 125 -38.99 -1.71 -22.60
C PRO D 125 -38.03 -0.56 -22.30
N GLU D 126 -38.55 0.63 -22.02
CA GLU D 126 -37.74 1.80 -21.72
C GLU D 126 -36.81 1.56 -20.52
N VAL D 127 -37.27 0.73 -19.59
CA VAL D 127 -36.46 0.47 -18.37
C VAL D 127 -35.46 -0.67 -18.65
N ARG D 128 -35.94 -1.73 -19.29
CA ARG D 128 -35.12 -2.89 -19.53
C ARG D 128 -33.89 -2.49 -20.33
N ARG D 129 -34.02 -1.50 -21.19
CA ARG D 129 -32.88 -1.25 -22.04
C ARG D 129 -31.79 -0.49 -21.29
N ARG D 130 -32.11 -0.02 -20.10
CA ARG D 130 -31.11 0.51 -19.17
C ARG D 130 -30.62 -0.51 -18.14
N LEU D 131 -31.52 -1.36 -17.66
CA LEU D 131 -31.14 -2.51 -16.79
C LEU D 131 -30.15 -3.46 -17.43
N TYR D 132 -30.35 -3.71 -18.73
CA TYR D 132 -29.71 -4.79 -19.46
C TYR D 132 -29.08 -4.18 -20.73
N PRO D 133 -28.11 -3.28 -20.53
CA PRO D 133 -27.63 -2.42 -21.58
C PRO D 133 -26.71 -3.13 -22.56
N ILE D 134 -26.83 -2.82 -23.82
CA ILE D 134 -25.78 -3.16 -24.75
C ILE D 134 -24.74 -2.03 -24.67
N LEU D 135 -23.54 -2.40 -24.26
CA LEU D 135 -22.48 -1.43 -24.05
C LEU D 135 -22.12 -0.73 -25.38
N PRO D 136 -21.86 0.57 -25.28
CA PRO D 136 -21.58 1.42 -26.43
C PRO D 136 -20.24 1.04 -27.02
N LYS D 137 -20.08 1.07 -28.34
CA LYS D 137 -18.81 0.69 -28.96
C LYS D 137 -18.14 2.01 -29.34
N THR D 138 -17.90 2.87 -28.35
CA THR D 138 -17.24 4.15 -28.56
C THR D 138 -15.73 4.05 -28.63
N ASN D 139 -15.09 5.12 -29.14
CA ASN D 139 -13.64 5.12 -29.36
C ASN D 139 -12.94 4.96 -28.03
N TYR D 140 -13.56 5.45 -26.95
CA TYR D 140 -12.88 5.54 -25.65
C TYR D 140 -13.77 5.05 -24.53
N ILE D 141 -13.13 4.71 -23.43
CA ILE D 141 -13.80 4.35 -22.19
C ILE D 141 -13.02 5.01 -21.02
N CYS D 142 -13.72 5.20 -19.93
CA CYS D 142 -13.17 5.59 -18.65
C CYS D 142 -13.90 4.84 -17.55
N PHE D 143 -13.15 4.28 -16.61
CA PHE D 143 -13.74 3.72 -15.39
C PHE D 143 -13.15 4.32 -14.13
N TYR D 144 -14.01 4.52 -13.14
CA TYR D 144 -13.55 4.81 -11.78
C TYR D 144 -14.64 4.39 -10.82
N PRO D 145 -14.25 3.90 -9.66
CA PRO D 145 -15.18 3.66 -8.60
C PRO D 145 -15.28 4.83 -7.62
N MET D 146 -16.36 4.86 -6.84
CA MET D 146 -16.51 5.97 -5.90
C MET D 146 -17.34 5.59 -4.69
N ASP D 147 -17.12 6.34 -3.62
CA ASP D 147 -17.95 6.25 -2.42
C ASP D 147 -18.65 7.61 -2.26
N LYS D 148 -19.73 7.62 -1.48
CA LYS D 148 -20.23 8.86 -0.92
C LYS D 148 -19.65 9.04 0.48
N ARG D 149 -19.11 10.22 0.72
CA ARG D 149 -18.34 10.51 1.94
C ARG D 149 -19.17 10.36 3.21
N ARG D 150 -18.50 9.90 4.28
CA ARG D 150 -19.06 9.79 5.62
C ARG D 150 -18.05 10.34 6.63
N GLN D 151 -17.76 11.63 6.53
CA GLN D 151 -16.67 12.20 7.32
C GLN D 151 -17.17 13.52 7.95
N GLY D 152 -17.20 13.58 9.27
CA GLY D 152 -17.58 14.80 9.94
C GLY D 152 -18.92 15.33 9.51
N ASN D 153 -18.97 16.60 9.14
CA ASN D 153 -20.20 17.24 8.66
C ASN D 153 -20.49 16.99 7.17
N ASP D 154 -19.62 16.23 6.51
CA ASP D 154 -19.80 15.83 5.13
C ASP D 154 -20.14 14.35 5.17
N ASN D 155 -21.29 14.02 5.74
CA ASN D 155 -21.78 12.66 5.81
C ASN D 155 -23.09 12.45 5.04
N TRP D 156 -22.94 11.89 3.84
CA TRP D 156 -24.04 11.69 2.91
C TRP D 156 -25.21 10.92 3.51
N TYR D 157 -24.86 9.89 4.28
CA TYR D 157 -25.83 8.94 4.79
C TYR D 157 -26.54 9.47 6.06
N MET D 158 -26.14 10.64 6.54
CA MET D 158 -26.78 11.29 7.69
C MET D 158 -27.65 12.45 7.23
N LEU D 159 -27.61 12.73 5.94
CA LEU D 159 -28.48 13.74 5.31
C LEU D 159 -29.92 13.23 5.33
N SER D 160 -30.88 14.14 5.19
CA SER D 160 -32.25 13.72 4.97
C SER D 160 -32.41 13.26 3.54
N MET D 161 -33.48 12.50 3.26
CA MET D 161 -33.86 12.17 1.91
C MET D 161 -33.99 13.43 1.05
N GLU D 162 -34.60 14.46 1.60
CA GLU D 162 -34.84 15.66 0.80
C GLU D 162 -33.52 16.33 0.37
N GLN D 163 -32.65 16.45 1.34
CA GLN D 163 -31.33 17.02 1.14
C GLN D 163 -30.57 16.24 0.08
N ARG D 164 -30.58 14.92 0.18
CA ARG D 164 -29.95 14.11 -0.87
C ARG D 164 -30.55 14.38 -2.27
N ARG D 165 -31.89 14.42 -2.33
CA ARG D 165 -32.60 14.64 -3.59
C ARG D 165 -32.17 15.98 -4.19
N GLU D 166 -32.12 17.03 -3.38
CA GLU D 166 -31.77 18.33 -3.91
C GLU D 166 -30.33 18.40 -4.35
N LEU D 167 -29.44 17.76 -3.60
CA LEU D 167 -28.04 17.67 -4.01
C LEU D 167 -27.90 16.95 -5.36
N MET D 168 -28.67 15.88 -5.54
CA MET D 168 -28.60 15.10 -6.77
C MET D 168 -29.21 15.80 -7.95
N ARG D 169 -29.99 16.85 -7.71
CA ARG D 169 -30.57 17.62 -8.83
C ARG D 169 -29.49 18.27 -9.70
N ALA D 170 -28.58 18.96 -9.04
CA ALA D 170 -27.53 19.72 -9.69
C ALA D 170 -26.63 18.77 -10.46
N HIS D 171 -26.40 17.61 -9.86
CA HIS D 171 -25.64 16.51 -10.49
C HIS D 171 -26.28 16.10 -11.81
N GLY D 172 -27.60 15.94 -11.79
CA GLY D 172 -28.34 15.59 -12.98
C GLY D 172 -28.24 16.70 -13.99
N MET D 173 -28.27 17.93 -13.49
CA MET D 173 -28.25 19.06 -14.40
C MET D 173 -26.92 19.11 -15.16
N THR D 174 -25.83 18.80 -14.46
CA THR D 174 -24.52 18.79 -15.14
C THR D 174 -24.42 17.69 -16.19
N GLY D 175 -24.92 16.52 -15.85
CA GLY D 175 -24.98 15.46 -16.84
C GLY D 175 -25.74 15.86 -18.09
N ARG D 176 -26.87 16.54 -17.93
CA ARG D 176 -27.68 16.89 -19.09
C ARG D 176 -26.92 17.71 -20.13
N LYS D 177 -25.89 18.41 -19.66
CA LYS D 177 -25.07 19.21 -20.54
C LYS D 177 -24.25 18.37 -21.54
N TYR D 178 -24.15 17.08 -21.28
CA TYR D 178 -23.33 16.15 -22.08
C TYR D 178 -24.13 15.13 -22.85
N ALA D 179 -25.41 15.46 -23.05
CA ALA D 179 -26.28 14.63 -23.84
C ALA D 179 -25.71 14.41 -25.21
N GLY D 180 -25.60 13.16 -25.61
CA GLY D 180 -25.08 12.82 -26.95
C GLY D 180 -23.57 12.93 -27.04
N LYS D 181 -22.93 13.38 -25.97
CA LYS D 181 -21.47 13.43 -25.95
C LYS D 181 -20.82 12.28 -25.12
N VAL D 182 -21.44 11.96 -24.00
CA VAL D 182 -20.94 10.89 -23.13
C VAL D 182 -22.14 10.07 -22.66
N THR D 183 -21.95 8.76 -22.53
CA THR D 183 -22.92 7.91 -21.81
C THR D 183 -22.25 7.23 -20.64
N GLN D 184 -23.03 7.16 -19.57
CA GLN D 184 -22.56 6.69 -18.28
C GLN D 184 -23.35 5.45 -17.84
N ILE D 185 -22.61 4.41 -17.47
CA ILE D 185 -23.18 3.19 -16.88
C ILE D 185 -22.83 3.24 -15.41
N ILE D 186 -23.85 3.36 -14.58
CA ILE D 186 -23.70 3.31 -13.12
C ILE D 186 -24.02 1.92 -12.63
N THR D 187 -23.03 1.37 -11.94
CA THR D 187 -23.20 0.11 -11.26
C THR D 187 -23.05 0.26 -9.74
N GLY D 188 -23.80 -0.52 -8.98
CA GLY D 188 -23.76 -0.39 -7.56
C GLY D 188 -22.94 -1.53 -7.04
N SER D 189 -22.13 -1.27 -6.01
CA SER D 189 -21.26 -2.31 -5.49
C SER D 189 -21.21 -2.36 -3.97
N VAL D 190 -22.12 -1.67 -3.29
CA VAL D 190 -22.17 -1.81 -1.85
C VAL D 190 -22.46 -3.25 -1.52
N GLY D 191 -21.63 -3.84 -0.65
CA GLY D 191 -21.78 -5.24 -0.35
C GLY D 191 -21.15 -6.21 -1.31
N LEU D 192 -20.59 -5.70 -2.41
CA LEU D 192 -20.04 -6.57 -3.44
C LEU D 192 -18.56 -6.31 -3.68
N ASP D 193 -18.13 -5.06 -3.53
CA ASP D 193 -16.69 -4.76 -3.73
C ASP D 193 -16.34 -3.57 -2.86
N ASP D 194 -15.19 -2.92 -3.11
CA ASP D 194 -14.57 -2.11 -2.05
C ASP D 194 -15.10 -0.69 -1.96
N PHE D 195 -15.69 -0.18 -3.05
CA PHE D 195 -16.34 1.13 -3.04
C PHE D 195 -17.85 0.90 -3.17
N GLU D 196 -18.59 1.98 -3.32
CA GLU D 196 -20.05 1.95 -3.36
C GLU D 196 -20.67 1.93 -4.74
N TRP D 197 -20.01 2.56 -5.73
CA TRP D 197 -20.47 2.55 -7.12
C TRP D 197 -19.30 2.42 -8.06
N GLY D 198 -19.54 1.80 -9.19
CA GLY D 198 -18.66 1.93 -10.34
C GLY D 198 -19.26 2.87 -11.38
N VAL D 199 -18.40 3.72 -11.94
CA VAL D 199 -18.80 4.64 -12.99
C VAL D 199 -18.02 4.27 -14.22
N THR D 200 -18.71 3.96 -15.31
CA THR D 200 -18.06 3.69 -16.61
C THR D 200 -18.63 4.68 -17.60
N LEU D 201 -17.73 5.48 -18.18
CA LEU D 201 -18.09 6.49 -19.22
C LEU D 201 -17.66 6.04 -20.59
N PHE D 202 -18.51 6.31 -21.59
CA PHE D 202 -18.19 5.96 -22.95
C PHE D 202 -18.29 7.23 -23.81
N SER D 203 -17.27 7.45 -24.65
CA SER D 203 -17.28 8.64 -25.49
C SER D 203 -16.39 8.43 -26.69
N ASP D 204 -16.81 9.05 -27.80
CA ASP D 204 -15.94 9.22 -28.94
C ASP D 204 -14.89 10.27 -28.87
N ASP D 205 -14.92 11.04 -27.79
CA ASP D 205 -13.97 12.12 -27.53
C ASP D 205 -13.48 12.04 -26.08
N ALA D 206 -12.24 11.59 -25.90
CA ALA D 206 -11.72 11.33 -24.51
C ALA D 206 -11.68 12.61 -23.70
N LEU D 207 -11.59 13.75 -24.36
CA LEU D 207 -11.59 15.01 -23.63
C LEU D 207 -12.85 15.23 -22.88
N GLN D 208 -13.97 14.66 -23.35
CA GLN D 208 -15.23 14.82 -22.63
C GLN D 208 -15.24 14.15 -21.26
N PHE D 209 -14.43 13.11 -21.05
CA PHE D 209 -14.30 12.53 -19.70
C PHE D 209 -13.78 13.60 -18.74
N LYS D 210 -12.74 14.30 -19.20
CA LYS D 210 -12.10 15.32 -18.39
C LYS D 210 -13.08 16.51 -18.17
N LYS D 211 -13.70 17.00 -19.25
CA LYS D 211 -14.65 18.10 -19.12
C LYS D 211 -15.76 17.78 -18.14
N LEU D 212 -16.35 16.60 -18.33
CA LEU D 212 -17.51 16.17 -17.52
C LEU D 212 -17.16 15.93 -16.06
N VAL D 213 -16.09 15.18 -15.82
CA VAL D 213 -15.74 14.87 -14.43
C VAL D 213 -15.25 16.11 -13.70
N TYR D 214 -14.61 17.02 -14.40
CA TYR D 214 -14.19 18.28 -13.78
C TYR D 214 -15.37 19.18 -13.46
N GLU D 215 -16.30 19.32 -14.41
CA GLU D 215 -17.47 20.15 -14.18
C GLU D 215 -18.31 19.58 -13.04
N MET D 216 -18.40 18.27 -12.95
CA MET D 216 -19.17 17.65 -11.85
C MET D 216 -18.59 17.98 -10.49
N ARG D 217 -17.28 18.09 -10.44
CA ARG D 217 -16.58 18.29 -9.17
C ARG D 217 -16.92 19.63 -8.50
N PHE D 218 -17.49 20.55 -9.24
CA PHE D 218 -17.92 21.81 -8.70
C PHE D 218 -19.38 21.80 -8.23
N ASP D 219 -20.08 20.72 -8.49
CA ASP D 219 -21.39 20.55 -7.87
C ASP D 219 -21.20 20.10 -6.42
N GLU D 220 -22.03 20.61 -5.52
CA GLU D 220 -21.84 20.33 -4.11
C GLU D 220 -21.84 18.83 -3.79
N VAL D 221 -22.69 18.06 -4.46
CA VAL D 221 -22.72 16.59 -4.16
C VAL D 221 -21.32 15.97 -4.39
N SER D 222 -20.62 16.41 -5.43
CA SER D 222 -19.30 15.84 -5.73
C SER D 222 -18.23 16.52 -4.90
N ALA D 223 -18.28 17.85 -4.82
CA ALA D 223 -17.25 18.56 -4.05
C ALA D 223 -17.18 18.07 -2.59
N ARG D 224 -18.33 17.97 -1.92
CA ARG D 224 -18.32 17.65 -0.51
C ARG D 224 -18.48 16.17 -0.26
N PHE D 225 -19.16 15.45 -1.16
CA PHE D 225 -19.50 14.06 -0.86
C PHE D 225 -18.82 12.99 -1.74
N GLY D 226 -18.04 13.39 -2.74
CA GLY D 226 -17.40 12.42 -3.63
C GLY D 226 -16.06 11.94 -3.10
N GLU D 227 -15.89 10.62 -3.06
CA GLU D 227 -14.61 10.02 -2.80
C GLU D 227 -14.32 9.12 -3.97
N PHE D 228 -13.18 9.31 -4.63
CA PHE D 228 -12.95 8.64 -5.90
C PHE D 228 -11.79 7.69 -5.79
N GLY D 229 -11.89 6.54 -6.43
CA GLY D 229 -10.76 5.63 -6.62
C GLY D 229 -9.94 6.00 -7.86
N SER D 230 -9.23 5.00 -8.38
CA SER D 230 -8.39 5.15 -9.55
C SER D 230 -9.23 5.34 -10.81
N PHE D 231 -8.68 6.11 -11.77
CA PHE D 231 -9.29 6.35 -13.06
C PHE D 231 -8.49 5.68 -14.13
N PHE D 232 -9.20 4.88 -14.91
CA PHE D 232 -8.64 4.08 -16.01
C PHE D 232 -9.24 4.52 -17.32
N VAL D 233 -8.40 4.91 -18.28
CA VAL D 233 -8.90 5.34 -19.58
C VAL D 233 -8.28 4.58 -20.71
N GLY D 234 -9.08 4.29 -21.75
CA GLY D 234 -8.62 3.43 -22.76
C GLY D 234 -9.31 3.63 -24.10
N THR D 235 -8.82 2.86 -25.06
CA THR D 235 -9.21 2.99 -26.48
C THR D 235 -9.77 1.67 -26.91
N ARG D 236 -10.82 1.71 -27.72
CA ARG D 236 -11.51 0.47 -28.09
C ARG D 236 -10.55 -0.43 -28.82
N LEU D 237 -10.54 -1.71 -28.46
CA LEU D 237 -9.85 -2.76 -29.25
C LEU D 237 -10.84 -3.57 -30.10
N PRO D 238 -10.90 -3.26 -31.39
CA PRO D 238 -11.73 -4.02 -32.31
C PRO D 238 -11.16 -5.40 -32.41
N MET D 239 -12.01 -6.40 -32.51
CA MET D 239 -11.52 -7.77 -32.52
C MET D 239 -10.70 -8.07 -33.79
N GLU D 240 -10.89 -7.25 -34.83
CA GLU D 240 -10.07 -7.31 -36.07
C GLU D 240 -8.63 -6.91 -35.84
N ASN D 241 -8.38 -6.20 -34.73
CA ASN D 241 -7.07 -5.71 -34.43
C ASN D 241 -6.32 -6.51 -33.35
N VAL D 242 -6.95 -7.55 -32.79
CA VAL D 242 -6.36 -8.36 -31.73
C VAL D 242 -5.08 -9.06 -32.13
N SER D 243 -5.08 -9.61 -33.35
CA SER D 243 -3.89 -10.29 -33.83
C SER D 243 -2.69 -9.36 -33.98
N SER D 244 -2.93 -8.19 -34.53
CA SER D 244 -1.85 -7.28 -34.71
C SER D 244 -1.42 -6.69 -33.37
N PHE D 245 -2.35 -6.50 -32.45
CA PHE D 245 -1.97 -5.97 -31.14
C PHE D 245 -1.02 -6.92 -30.42
N PHE D 246 -1.31 -8.23 -30.46
CA PHE D 246 -0.46 -9.19 -29.79
C PHE D 246 0.69 -9.68 -30.65
N HIS D 247 0.76 -9.20 -31.88
CA HIS D 247 1.86 -9.63 -32.77
C HIS D 247 3.23 -9.24 -32.25
N VAL D 248 4.07 -10.25 -32.08
CA VAL D 248 5.50 -10.08 -31.84
C VAL D 248 6.30 -11.03 -32.75
N GLN E 6 15.44 31.60 2.67
CA GLN E 6 16.31 31.81 3.87
C GLN E 6 17.39 30.74 3.96
N THR E 7 17.16 29.55 3.40
CA THR E 7 18.07 28.41 3.67
C THR E 7 19.22 28.44 2.70
N LEU E 8 20.38 27.92 3.13
CA LEU E 8 21.51 27.70 2.25
C LEU E 8 21.54 26.23 1.91
N ASP E 9 21.93 25.93 0.67
CA ASP E 9 21.91 24.60 0.16
C ASP E 9 23.30 24.04 -0.01
N GLY E 10 23.51 22.81 0.43
CA GLY E 10 24.81 22.17 0.36
C GLY E 10 24.82 20.99 -0.56
N TRP E 11 25.57 19.96 -0.20
CA TRP E 11 25.63 18.73 -1.01
C TRP E 11 24.26 18.05 -1.19
N TYR E 12 24.06 17.47 -2.38
CA TYR E 12 22.95 16.53 -2.61
C TYR E 12 23.21 15.26 -1.81
N CYS E 13 22.13 14.55 -1.47
CA CYS E 13 22.20 13.38 -0.62
C CYS E 13 21.26 12.32 -1.18
N LEU E 14 21.81 11.11 -1.29
CA LEU E 14 21.05 9.90 -1.60
C LEU E 14 21.14 8.99 -0.39
N HIS E 15 20.00 8.50 0.10
CA HIS E 15 19.98 7.34 0.99
C HIS E 15 19.50 6.17 0.14
N ASP E 16 20.31 5.15 -0.01
CA ASP E 16 20.00 3.97 -0.76
C ASP E 16 19.96 2.74 0.14
N PHE E 17 18.75 2.24 0.44
CA PHE E 17 18.53 1.09 1.30
C PHE E 17 18.31 -0.14 0.45
N ARG E 18 18.93 -1.23 0.81
CA ARG E 18 18.77 -2.50 0.11
C ARG E 18 18.54 -3.67 1.08
N THR E 19 17.89 -4.69 0.53
CA THR E 19 17.72 -5.97 1.21
C THR E 19 18.57 -7.04 0.52
N ILE E 20 19.17 -7.91 1.30
CA ILE E 20 20.08 -8.91 0.76
C ILE E 20 19.36 -10.22 0.40
N ASP E 21 19.48 -10.60 -0.86
CA ASP E 21 18.94 -11.89 -1.36
C ASP E 21 19.93 -13.04 -1.06
N TRP E 22 19.97 -13.42 0.20
CA TRP E 22 20.90 -14.42 0.68
C TRP E 22 20.78 -15.71 -0.08
N SER E 23 19.56 -16.14 -0.36
CA SER E 23 19.38 -17.44 -1.00
C SER E 23 20.04 -17.51 -2.36
N ALA E 24 19.91 -16.46 -3.15
CA ALA E 24 20.56 -16.37 -4.42
C ALA E 24 22.07 -16.22 -4.33
N TRP E 25 22.51 -15.32 -3.44
CA TRP E 25 23.91 -15.12 -3.14
C TRP E 25 24.58 -16.44 -2.84
N LYS E 26 23.92 -17.30 -2.09
CA LYS E 26 24.56 -18.55 -1.70
C LYS E 26 24.71 -19.49 -2.88
N THR E 27 23.92 -19.31 -3.93
CA THR E 27 24.05 -20.17 -5.12
C THR E 27 25.20 -19.78 -6.03
N LEU E 28 25.64 -18.55 -5.92
CA LEU E 28 26.70 -18.04 -6.75
C LEU E 28 28.00 -18.71 -6.34
N PRO E 29 28.80 -19.14 -7.32
CA PRO E 29 29.99 -19.84 -7.02
C PRO E 29 30.98 -19.05 -6.22
N ASN E 30 31.66 -19.75 -5.31
CA ASN E 30 32.45 -19.08 -4.34
C ASN E 30 33.42 -18.10 -4.99
N GLU E 31 34.03 -18.46 -6.11
CA GLU E 31 35.09 -17.55 -6.62
C GLU E 31 34.44 -16.27 -7.22
N GLU E 32 33.18 -16.42 -7.63
CA GLU E 32 32.40 -15.27 -8.07
C GLU E 32 31.91 -14.38 -6.92
N ARG E 33 31.54 -14.98 -5.79
CA ARG E 33 31.28 -14.16 -4.57
C ARG E 33 32.50 -13.35 -4.15
N GLU E 34 33.67 -13.96 -4.17
CA GLU E 34 34.84 -13.25 -3.70
C GLU E 34 35.16 -12.09 -4.64
N ALA E 35 35.04 -12.33 -5.93
CA ALA E 35 35.30 -11.28 -6.91
C ALA E 35 34.31 -10.14 -6.75
N ALA E 36 33.08 -10.52 -6.44
CA ALA E 36 31.99 -9.52 -6.28
C ALA E 36 32.24 -8.66 -5.05
N ILE E 37 32.69 -9.27 -3.96
CA ILE E 37 33.10 -8.48 -2.80
C ILE E 37 34.27 -7.57 -3.13
N SER E 38 35.31 -8.11 -3.74
CA SER E 38 36.43 -7.24 -4.08
C SER E 38 36.00 -6.09 -4.98
N GLU E 39 35.16 -6.40 -5.99
CA GLU E 39 34.63 -5.34 -6.88
C GLU E 39 33.92 -4.25 -6.12
N PHE E 40 33.06 -4.64 -5.18
CA PHE E 40 32.34 -3.66 -4.30
C PHE E 40 33.31 -2.84 -3.47
N LEU E 41 34.29 -3.51 -2.85
CA LEU E 41 35.26 -2.79 -2.02
C LEU E 41 36.09 -1.80 -2.85
N ALA E 42 36.38 -2.18 -4.08
CA ALA E 42 37.02 -1.29 -4.99
C ALA E 42 36.18 -0.04 -5.28
N LEU E 43 34.86 -0.20 -5.36
CA LEU E 43 34.01 0.96 -5.54
C LEU E 43 34.11 1.87 -4.30
N VAL E 44 33.96 1.26 -3.14
CA VAL E 44 33.94 2.03 -1.94
C VAL E 44 35.26 2.74 -1.76
N ASP E 45 36.32 2.14 -2.26
CA ASP E 45 37.61 2.82 -2.24
C ASP E 45 37.63 4.13 -2.98
N GLN E 46 36.90 4.19 -4.10
CA GLN E 46 36.72 5.42 -4.83
C GLN E 46 35.98 6.43 -3.95
N TRP E 47 34.89 5.98 -3.32
CA TRP E 47 34.12 6.89 -2.47
C TRP E 47 35.04 7.46 -1.39
N GLU E 48 35.94 6.62 -0.88
CA GLU E 48 36.86 7.05 0.17
C GLU E 48 37.85 8.12 -0.32
N THR E 49 38.28 8.00 -1.58
CA THR E 49 39.17 9.01 -2.17
C THR E 49 38.45 10.33 -2.32
N THR E 50 37.21 10.26 -2.85
CA THR E 50 36.35 11.42 -2.88
C THR E 50 36.17 12.11 -1.53
N GLU E 51 35.87 11.34 -0.48
CA GLU E 51 35.68 11.90 0.82
C GLU E 51 36.98 12.50 1.34
N SER E 52 38.11 11.82 1.13
CA SER E 52 39.42 12.37 1.53
C SER E 52 39.74 13.72 0.91
N GLU E 53 39.29 13.91 -0.33
CA GLU E 53 39.45 15.15 -1.02
C GLU E 53 38.37 16.18 -0.70
N LYS E 54 37.49 15.87 0.27
CA LYS E 54 36.38 16.73 0.63
C LYS E 54 35.46 17.10 -0.53
N GLN E 55 35.25 16.17 -1.45
CA GLN E 55 34.35 16.37 -2.54
C GLN E 55 33.11 15.44 -2.49
N GLY E 56 32.81 15.00 -1.28
CA GLY E 56 31.64 14.19 -0.97
C GLY E 56 31.89 13.45 0.35
N SER E 57 30.93 12.66 0.74
CA SER E 57 31.08 11.84 1.91
C SER E 57 30.14 10.66 1.73
N HIS E 58 30.32 9.65 2.58
CA HIS E 58 29.43 8.49 2.51
C HIS E 58 29.41 7.79 3.85
N ALA E 59 28.37 7.01 4.05
CA ALA E 59 28.24 6.19 5.23
C ALA E 59 27.64 4.87 4.84
N VAL E 60 28.14 3.81 5.46
CA VAL E 60 27.59 2.50 5.19
C VAL E 60 27.23 1.81 6.52
N TYR E 61 25.93 1.49 6.68
CA TYR E 61 25.35 0.93 7.92
C TYR E 61 24.53 -0.32 7.58
N THR E 62 24.61 -1.36 8.42
CA THR E 62 23.66 -2.43 8.33
C THR E 62 22.42 -2.04 9.14
N ILE E 63 21.27 -2.37 8.58
CA ILE E 63 19.97 -1.93 9.11
C ILE E 63 19.30 -3.16 9.71
N VAL E 64 18.79 -2.97 10.91
CA VAL E 64 18.18 -4.05 11.68
C VAL E 64 16.71 -4.18 11.23
N GLY E 65 16.25 -5.42 11.12
CA GLY E 65 14.87 -5.69 10.76
C GLY E 65 14.74 -5.95 9.27
N GLN E 66 13.50 -5.96 8.78
CA GLN E 66 13.22 -6.35 7.43
C GLN E 66 12.95 -5.20 6.50
N LYS E 67 12.98 -3.97 6.99
CA LYS E 67 12.75 -2.84 6.12
C LYS E 67 13.95 -2.68 5.17
N ALA E 68 15.13 -3.08 5.61
CA ALA E 68 16.31 -3.08 4.80
C ALA E 68 17.38 -3.88 5.53
N ASP E 69 18.47 -4.17 4.83
CA ASP E 69 19.63 -4.79 5.40
C ASP E 69 20.87 -3.88 5.43
N ILE E 70 20.95 -2.98 4.47
CA ILE E 70 22.14 -2.14 4.28
C ILE E 70 21.73 -0.80 3.71
N LEU E 71 22.38 0.27 4.22
CA LEU E 71 22.16 1.65 3.79
C LEU E 71 23.48 2.20 3.31
N PHE E 72 23.46 2.72 2.09
CA PHE E 72 24.50 3.59 1.53
C PHE E 72 23.96 5.01 1.51
N MET E 73 24.56 5.86 2.31
CA MET E 73 24.23 7.27 2.35
C MET E 73 25.38 8.01 1.68
N ILE E 74 25.06 8.78 0.65
CA ILE E 74 26.05 9.35 -0.30
C ILE E 74 25.77 10.83 -0.41
N LEU E 75 26.79 11.65 -0.17
CA LEU E 75 26.70 13.13 -0.37
C LEU E 75 27.65 13.50 -1.50
N ARG E 76 27.15 14.24 -2.47
CA ARG E 76 27.95 14.68 -3.65
C ARG E 76 27.49 16.08 -4.10
N PRO E 77 28.34 16.78 -4.85
CA PRO E 77 28.04 18.16 -5.18
C PRO E 77 26.95 18.35 -6.19
N THR E 78 26.69 17.30 -6.99
CA THR E 78 25.63 17.40 -8.00
C THR E 78 24.65 16.23 -8.00
N LEU E 79 23.47 16.47 -8.58
CA LEU E 79 22.52 15.40 -8.69
C LEU E 79 23.05 14.37 -9.63
N ASP E 80 23.73 14.84 -10.70
CA ASP E 80 24.30 13.88 -11.67
C ASP E 80 25.28 12.90 -11.01
N GLU E 81 26.07 13.38 -10.03
CA GLU E 81 27.00 12.53 -9.36
C GLU E 81 26.30 11.46 -8.55
N LEU E 82 25.17 11.80 -7.92
CA LEU E 82 24.37 10.78 -7.25
C LEU E 82 23.90 9.71 -8.24
N HIS E 83 23.39 10.14 -9.38
CA HIS E 83 22.96 9.16 -10.39
C HIS E 83 24.14 8.28 -10.82
N GLU E 84 25.30 8.87 -11.00
CA GLU E 84 26.48 8.10 -11.46
C GLU E 84 26.85 7.06 -10.42
N ILE E 85 26.83 7.46 -9.15
CA ILE E 85 27.19 6.53 -8.06
C ILE E 85 26.18 5.39 -7.97
N GLU E 86 24.89 5.72 -8.02
CA GLU E 86 23.83 4.70 -8.02
C GLU E 86 23.94 3.74 -9.21
N THR E 87 24.25 4.26 -10.37
CA THR E 87 24.39 3.43 -11.56
C THR E 87 25.62 2.53 -11.45
N ALA E 88 26.76 3.07 -11.04
CA ALA E 88 27.95 2.23 -10.83
C ALA E 88 27.68 1.13 -9.85
N LEU E 89 27.00 1.45 -8.77
CA LEU E 89 26.71 0.45 -7.73
C LEU E 89 25.81 -0.63 -8.38
N ASN E 90 24.79 -0.22 -9.12
CA ASN E 90 23.91 -1.20 -9.70
C ASN E 90 24.60 -2.07 -10.74
N LYS E 91 25.64 -1.57 -11.35
CA LYS E 91 26.35 -2.37 -12.34
C LYS E 91 27.35 -3.34 -11.72
N THR E 92 27.55 -3.28 -10.40
CA THR E 92 28.38 -4.31 -9.73
C THR E 92 27.67 -5.62 -9.62
N LYS E 93 28.42 -6.72 -9.53
CA LYS E 93 27.77 -8.03 -9.42
C LYS E 93 27.06 -8.15 -8.06
N LEU E 94 27.61 -7.54 -7.03
CA LEU E 94 27.02 -7.67 -5.70
C LEU E 94 25.63 -7.02 -5.69
N ALA E 95 25.47 -5.91 -6.41
CA ALA E 95 24.21 -5.25 -6.43
C ALA E 95 23.06 -6.10 -6.96
N ASP E 96 23.36 -7.12 -7.77
CA ASP E 96 22.32 -8.06 -8.19
C ASP E 96 21.61 -8.74 -7.02
N TYR E 97 22.30 -8.77 -5.88
CA TYR E 97 21.79 -9.40 -4.66
C TYR E 97 21.34 -8.39 -3.62
N LEU E 98 21.44 -7.10 -3.96
CA LEU E 98 21.04 -5.99 -3.11
C LEU E 98 19.74 -5.42 -3.68
N LEU E 99 18.59 -5.97 -3.25
CA LEU E 99 17.34 -5.66 -3.88
C LEU E 99 16.83 -4.31 -3.36
N PRO E 100 15.84 -3.72 -4.02
CA PRO E 100 15.31 -2.44 -3.59
C PRO E 100 14.58 -2.55 -2.29
N ALA E 101 14.73 -1.53 -1.45
CA ALA E 101 14.05 -1.51 -0.21
C ALA E 101 13.41 -0.18 0.08
N TYR E 102 14.22 0.90 -0.02
CA TYR E 102 13.69 2.26 0.11
C TYR E 102 14.84 3.19 -0.34
N SER E 103 14.52 4.42 -0.70
CA SER E 103 15.53 5.40 -1.09
C SER E 103 15.01 6.77 -0.77
N TYR E 104 15.93 7.75 -0.73
CA TYR E 104 15.55 9.10 -0.42
C TYR E 104 16.55 10.03 -1.09
N VAL E 105 16.01 11.04 -1.77
CA VAL E 105 16.84 12.03 -2.50
C VAL E 105 16.58 13.41 -1.91
N SER E 106 17.66 14.12 -1.53
CA SER E 106 17.48 15.36 -0.82
C SER E 106 18.78 16.19 -0.90
N VAL E 107 18.74 17.37 -0.29
CA VAL E 107 19.92 18.29 -0.27
C VAL E 107 20.19 18.84 1.14
N VAL E 108 21.45 18.79 1.56
CA VAL E 108 21.85 19.37 2.85
C VAL E 108 21.37 20.80 2.89
N GLU E 109 20.66 21.17 3.93
CA GLU E 109 20.09 22.50 4.03
C GLU E 109 20.42 23.11 5.37
N LEU E 110 20.82 24.38 5.41
CA LEU E 110 21.06 25.09 6.67
C LEU E 110 20.12 26.28 6.79
N SER E 111 19.50 26.47 7.95
CA SER E 111 18.64 27.63 8.23
C SER E 111 19.33 28.58 9.22
N ASN E 112 20.06 27.99 10.15
CA ASN E 112 20.68 28.70 11.27
C ASN E 112 22.11 29.06 11.00
N TYR E 113 22.38 30.33 10.75
CA TYR E 113 23.74 30.78 10.63
C TYR E 113 23.77 32.29 10.85
N LEU E 114 24.92 32.81 11.24
CA LEU E 114 25.05 34.25 11.48
C LEU E 114 25.18 35.00 10.19
N ALA E 115 24.15 35.77 9.84
CA ALA E 115 24.05 36.43 8.54
C ALA E 115 24.49 37.89 8.69
N SER E 116 25.64 38.23 8.11
CA SER E 116 26.16 39.58 8.29
C SER E 116 25.78 40.45 7.09
N GLY E 117 25.62 39.80 5.95
CA GLY E 117 25.59 40.52 4.69
C GLY E 117 26.94 40.77 4.08
N SER E 118 28.01 40.75 4.88
CA SER E 118 29.33 41.24 4.42
C SER E 118 30.15 40.19 3.72
N GLU E 119 29.69 38.94 3.78
CA GLU E 119 30.47 37.83 3.25
C GLU E 119 29.55 36.93 2.42
N ASP E 120 30.16 36.11 1.62
CA ASP E 120 29.43 35.06 0.89
C ASP E 120 29.51 33.87 1.81
N PRO E 121 28.39 33.45 2.42
CA PRO E 121 28.47 32.41 3.43
C PRO E 121 28.83 31.07 2.91
N TYR E 122 28.72 30.90 1.59
CA TYR E 122 29.24 29.68 0.95
C TYR E 122 30.74 29.62 0.92
N GLN E 123 31.40 30.70 1.38
CA GLN E 123 32.86 30.73 1.45
C GLN E 123 33.42 30.83 2.85
N ILE E 124 32.55 30.84 3.85
CA ILE E 124 32.92 30.93 5.26
C ILE E 124 33.14 29.49 5.82
N PRO E 125 34.30 29.25 6.45
CA PRO E 125 34.66 27.92 6.95
C PRO E 125 33.65 27.29 7.90
N GLU E 126 33.08 28.09 8.79
CA GLU E 126 32.16 27.56 9.79
C GLU E 126 30.82 27.17 9.13
N VAL E 127 30.51 27.79 8.00
CA VAL E 127 29.31 27.38 7.29
C VAL E 127 29.59 26.21 6.34
N ARG E 128 30.67 26.34 5.59
CA ARG E 128 31.11 25.25 4.69
C ARG E 128 31.17 23.91 5.36
N ARG E 129 31.61 23.84 6.60
CA ARG E 129 31.73 22.50 7.16
C ARG E 129 30.38 21.88 7.47
N ARG E 130 29.33 22.70 7.51
CA ARG E 130 27.97 22.22 7.67
C ARG E 130 27.26 21.93 6.34
N LEU E 131 27.46 22.79 5.34
CA LEU E 131 26.98 22.51 3.96
C LEU E 131 27.51 21.26 3.33
N TYR E 132 28.74 20.92 3.67
CA TYR E 132 29.58 19.95 2.99
C TYR E 132 30.19 19.06 4.08
N PRO E 133 29.33 18.33 4.77
CA PRO E 133 29.78 17.62 5.97
C PRO E 133 30.43 16.30 5.65
N ILE E 134 31.50 16.00 6.39
CA ILE E 134 32.02 14.68 6.48
C ILE E 134 31.16 13.91 7.50
N LEU E 135 30.51 12.84 7.05
CA LEU E 135 29.55 12.14 7.87
C LEU E 135 30.27 11.46 9.00
N PRO E 136 29.67 11.43 10.21
CA PRO E 136 30.32 10.86 11.38
C PRO E 136 30.36 9.37 11.28
N LYS E 137 31.41 8.76 11.82
CA LYS E 137 31.56 7.34 11.77
C LYS E 137 31.20 6.81 13.17
N THR E 138 29.97 7.11 13.59
CA THR E 138 29.40 6.64 14.85
C THR E 138 28.99 5.21 14.78
N ASN E 139 28.81 4.59 15.95
CA ASN E 139 28.46 3.20 15.98
C ASN E 139 27.08 2.96 15.32
N TYR E 140 26.18 3.93 15.46
CA TYR E 140 24.79 3.79 15.04
C TYR E 140 24.29 4.94 14.14
N ILE E 141 23.23 4.67 13.39
CA ILE E 141 22.55 5.65 12.55
C ILE E 141 21.04 5.43 12.67
N CYS E 142 20.31 6.52 12.47
CA CYS E 142 18.86 6.51 12.39
C CYS E 142 18.46 7.44 11.24
N PHE E 143 17.57 6.97 10.35
CA PHE E 143 17.03 7.85 9.32
C PHE E 143 15.50 7.85 9.38
N TYR E 144 14.90 9.00 9.18
CA TYR E 144 13.48 9.13 8.91
C TYR E 144 13.17 10.39 8.15
N PRO E 145 12.20 10.31 7.24
CA PRO E 145 11.69 11.50 6.64
C PRO E 145 10.52 12.14 7.38
N MET E 146 10.29 13.43 7.13
CA MET E 146 9.25 14.19 7.84
C MET E 146 8.59 15.19 6.89
N ASP E 147 7.33 15.50 7.19
CA ASP E 147 6.66 16.66 6.64
C ASP E 147 6.24 17.54 7.81
N LYS E 148 5.99 18.82 7.53
CA LYS E 148 5.27 19.70 8.46
C LYS E 148 3.79 19.68 8.10
N ARG E 149 2.97 19.36 9.08
CA ARG E 149 1.57 19.18 8.87
C ARG E 149 0.86 20.40 8.25
N ARG E 150 -0.13 20.08 7.40
CA ARG E 150 -1.04 21.03 6.82
C ARG E 150 -2.48 20.50 6.91
N GLN E 151 -3.01 20.40 8.11
CA GLN E 151 -4.34 19.82 8.30
C GLN E 151 -5.08 20.74 9.25
N GLY E 152 -6.29 21.12 8.86
CA GLY E 152 -7.20 21.73 9.81
C GLY E 152 -6.53 22.93 10.44
N ASN E 153 -6.58 23.01 11.76
CA ASN E 153 -6.02 24.16 12.48
C ASN E 153 -4.52 23.95 12.76
N ASP E 154 -4.01 22.80 12.35
CA ASP E 154 -2.61 22.45 12.54
C ASP E 154 -1.93 22.59 11.17
N ASN E 155 -1.83 23.82 10.65
CA ASN E 155 -1.25 24.06 9.33
C ASN E 155 -0.02 24.92 9.48
N TRP E 156 1.14 24.28 9.40
CA TRP E 156 2.43 24.93 9.53
C TRP E 156 2.61 26.14 8.62
N TYR E 157 2.13 25.99 7.39
CA TYR E 157 2.43 26.90 6.32
C TYR E 157 1.47 28.07 6.30
N MET E 158 0.48 28.03 7.19
CA MET E 158 -0.48 29.12 7.34
C MET E 158 -0.20 29.91 8.60
N LEU E 159 0.82 29.50 9.35
CA LEU E 159 1.22 30.29 10.51
C LEU E 159 1.99 31.53 10.07
N SER E 160 2.11 32.49 10.97
CA SER E 160 3.08 33.55 10.74
C SER E 160 4.51 33.08 10.86
N MET E 161 5.39 33.74 10.14
CA MET E 161 6.82 33.72 10.38
C MET E 161 7.18 33.74 11.87
N GLU E 162 6.51 34.61 12.58
CA GLU E 162 6.81 34.81 13.99
C GLU E 162 6.33 33.63 14.84
N GLN E 163 5.22 33.04 14.45
CA GLN E 163 4.71 31.86 15.15
C GLN E 163 5.61 30.67 14.87
N ARG E 164 6.04 30.55 13.61
CA ARG E 164 7.02 29.49 13.27
C ARG E 164 8.33 29.62 14.02
N ARG E 165 8.85 30.83 14.13
CA ARG E 165 10.13 31.09 14.81
C ARG E 165 10.01 30.71 16.29
N GLU E 166 8.89 31.07 16.89
CA GLU E 166 8.69 30.76 18.32
C GLU E 166 8.64 29.27 18.53
N LEU E 167 7.90 28.57 17.66
CA LEU E 167 7.79 27.11 17.76
C LEU E 167 9.13 26.41 17.60
N MET E 168 9.96 26.94 16.74
CA MET E 168 11.20 26.26 16.43
C MET E 168 12.20 26.45 17.56
N ARG E 169 11.92 27.41 18.42
CA ARG E 169 12.80 27.75 19.53
C ARG E 169 12.84 26.63 20.53
N ALA E 170 11.68 26.12 20.95
CA ALA E 170 11.66 25.02 21.87
C ALA E 170 12.36 23.83 21.24
N HIS E 171 12.12 23.61 19.95
CA HIS E 171 12.74 22.50 19.22
C HIS E 171 14.26 22.60 19.27
N GLY E 172 14.78 23.82 19.09
CA GLY E 172 16.20 24.05 19.22
C GLY E 172 16.69 23.80 20.63
N MET E 173 15.87 24.12 21.62
CA MET E 173 16.25 23.94 23.01
C MET E 173 16.37 22.46 23.37
N THR E 174 15.48 21.63 22.82
CA THR E 174 15.52 20.18 23.07
C THR E 174 16.77 19.60 22.46
N GLY E 175 17.10 20.03 21.24
CA GLY E 175 18.33 19.56 20.61
C GLY E 175 19.57 19.85 21.42
N ARG E 176 19.61 21.03 22.05
CA ARG E 176 20.79 21.48 22.71
C ARG E 176 21.10 20.57 23.88
N LYS E 177 20.06 19.95 24.42
CA LYS E 177 20.22 18.92 25.45
C LYS E 177 21.09 17.72 25.10
N TYR E 178 21.23 17.46 23.79
CA TYR E 178 21.88 16.26 23.29
C TYR E 178 23.20 16.61 22.65
N ALA E 179 23.72 17.80 22.99
CA ALA E 179 25.04 18.19 22.53
C ALA E 179 26.10 17.17 22.91
N GLY E 180 26.87 16.75 21.94
CA GLY E 180 27.92 15.80 22.20
C GLY E 180 27.44 14.35 22.11
N LYS E 181 26.13 14.14 22.20
CA LYS E 181 25.58 12.79 22.27
C LYS E 181 25.06 12.28 20.89
N VAL E 182 24.40 13.20 20.19
CA VAL E 182 23.84 12.90 18.85
C VAL E 182 24.22 14.04 17.93
N THR E 183 24.44 13.74 16.66
CA THR E 183 24.46 14.76 15.64
C THR E 183 23.44 14.45 14.56
N GLN E 184 22.90 15.52 14.00
CA GLN E 184 21.73 15.44 13.13
C GLN E 184 22.13 16.13 11.83
N ILE E 185 21.92 15.44 10.70
CA ILE E 185 22.01 16.02 9.37
C ILE E 185 20.57 16.18 8.87
N ILE E 186 20.19 17.43 8.61
CA ILE E 186 18.92 17.77 8.02
C ILE E 186 19.14 17.99 6.55
N THR E 187 18.37 17.26 5.74
CA THR E 187 18.33 17.48 4.31
C THR E 187 16.91 17.85 3.87
N GLY E 188 16.80 18.81 2.96
CA GLY E 188 15.55 19.25 2.43
C GLY E 188 15.22 18.48 1.19
N SER E 189 13.96 18.09 1.05
CA SER E 189 13.52 17.31 -0.11
C SER E 189 12.25 17.86 -0.73
N VAL E 190 11.80 19.05 -0.35
CA VAL E 190 10.62 19.60 -1.03
C VAL E 190 10.91 19.76 -2.51
N GLY E 191 10.10 19.15 -3.37
CA GLY E 191 10.39 19.25 -4.78
C GLY E 191 11.27 18.16 -5.28
N LEU E 192 11.84 17.35 -4.36
CA LEU E 192 12.82 16.35 -4.73
C LEU E 192 12.41 14.91 -4.40
N ASP E 193 11.64 14.73 -3.33
CA ASP E 193 11.18 13.42 -2.97
C ASP E 193 9.86 13.57 -2.22
N ASP E 194 9.37 12.49 -1.58
CA ASP E 194 7.95 12.41 -1.20
C ASP E 194 7.57 13.15 0.08
N PHE E 195 8.52 13.32 0.98
CA PHE E 195 8.36 14.15 2.20
C PHE E 195 9.14 15.47 2.04
N GLU E 196 9.17 16.32 3.07
CA GLU E 196 9.75 17.66 2.99
C GLU E 196 11.19 17.70 3.51
N TRP E 197 11.55 16.81 4.46
CA TRP E 197 12.91 16.75 5.02
C TRP E 197 13.27 15.32 5.27
N GLY E 198 14.55 15.04 5.12
CA GLY E 198 15.22 13.85 5.65
C GLY E 198 15.96 14.24 6.93
N VAL E 199 15.76 13.40 7.93
CA VAL E 199 16.52 13.50 9.16
C VAL E 199 17.42 12.29 9.36
N THR E 200 18.76 12.51 9.42
CA THR E 200 19.69 11.44 9.71
C THR E 200 20.42 11.73 11.04
N LEU E 201 20.22 10.84 12.01
CA LEU E 201 20.88 10.99 13.30
C LEU E 201 22.04 9.99 13.44
N PHE E 202 23.14 10.46 14.02
CA PHE E 202 24.32 9.68 14.24
C PHE E 202 24.65 9.72 15.76
N SER E 203 24.88 8.56 16.33
CA SER E 203 25.21 8.45 17.75
C SER E 203 26.00 7.18 18.01
N ASP E 204 26.82 7.24 19.04
CA ASP E 204 27.43 6.03 19.52
C ASP E 204 26.57 5.21 20.47
N ASP E 205 25.40 5.72 20.79
CA ASP E 205 24.44 5.08 21.71
C ASP E 205 23.06 5.15 21.12
N ALA E 206 22.56 4.00 20.68
CA ALA E 206 21.32 3.97 19.90
C ALA E 206 20.10 4.36 20.73
N LEU E 207 20.23 4.27 22.05
CA LEU E 207 19.18 4.73 22.89
C LEU E 207 18.93 6.20 22.81
N GLN E 208 19.94 6.98 22.44
CA GLN E 208 19.80 8.39 22.38
C GLN E 208 18.83 8.78 21.24
N PHE E 209 18.73 7.95 20.21
CA PHE E 209 17.72 8.16 19.13
C PHE E 209 16.34 8.17 19.74
N LYS E 210 16.05 7.15 20.54
CA LYS E 210 14.74 7.02 21.16
C LYS E 210 14.51 8.16 22.17
N LYS E 211 15.54 8.50 22.94
CA LYS E 211 15.40 9.54 23.94
C LYS E 211 15.12 10.87 23.33
N LEU E 212 15.91 11.21 22.30
CA LEU E 212 15.78 12.46 21.58
C LEU E 212 14.46 12.62 20.86
N VAL E 213 14.15 11.63 20.02
CA VAL E 213 12.97 11.70 19.20
C VAL E 213 11.70 11.71 20.06
N TYR E 214 11.68 10.97 21.17
CA TYR E 214 10.57 11.01 22.13
C TYR E 214 10.44 12.37 22.84
N GLU E 215 11.57 12.92 23.28
CA GLU E 215 11.55 14.21 23.94
C GLU E 215 11.08 15.32 23.01
N MET E 216 11.54 15.27 21.77
CA MET E 216 11.10 16.23 20.75
C MET E 216 9.60 16.22 20.57
N ARG E 217 9.03 15.04 20.69
CA ARG E 217 7.63 14.86 20.42
C ARG E 217 6.70 15.58 21.39
N PHE E 218 7.25 16.02 22.53
CA PHE E 218 6.45 16.82 23.46
C PHE E 218 6.59 18.31 23.21
N ASP E 219 7.45 18.69 22.28
CA ASP E 219 7.47 20.08 21.85
C ASP E 219 6.28 20.34 20.93
N GLU E 220 5.65 21.50 21.07
CA GLU E 220 4.49 21.81 20.22
C GLU E 220 4.74 21.69 18.73
N VAL E 221 5.90 22.11 18.25
CA VAL E 221 6.21 21.98 16.82
C VAL E 221 6.13 20.51 16.32
N SER E 222 6.58 19.56 17.13
CA SER E 222 6.56 18.16 16.75
C SER E 222 5.18 17.55 17.03
N ALA E 223 4.59 17.93 18.16
CA ALA E 223 3.36 17.28 18.61
C ALA E 223 2.25 17.67 17.64
N ARG E 224 2.22 18.96 17.28
CA ARG E 224 1.16 19.47 16.47
C ARG E 224 1.47 19.39 14.99
N PHE E 225 2.72 19.65 14.60
CA PHE E 225 3.03 19.79 13.18
C PHE E 225 3.96 18.70 12.61
N GLY E 226 4.38 17.75 13.42
CA GLY E 226 5.20 16.70 12.83
C GLY E 226 4.44 15.59 12.14
N GLU E 227 4.87 15.23 10.93
CA GLU E 227 4.39 14.02 10.32
C GLU E 227 5.59 13.20 9.91
N PHE E 228 5.64 11.94 10.34
CA PHE E 228 6.84 11.13 10.21
C PHE E 228 6.66 9.95 9.28
N GLY E 229 7.66 9.65 8.45
CA GLY E 229 7.68 8.39 7.73
C GLY E 229 8.27 7.25 8.54
N SER E 230 8.78 6.29 7.80
CA SER E 230 9.43 5.12 8.42
C SER E 230 10.75 5.48 9.08
N PHE E 231 11.10 4.73 10.13
CA PHE E 231 12.39 4.94 10.84
C PHE E 231 13.24 3.71 10.66
N PHE E 232 14.53 3.93 10.34
CA PHE E 232 15.46 2.88 9.95
C PHE E 232 16.66 3.06 10.88
N VAL E 233 17.02 2.04 11.64
CA VAL E 233 18.16 2.16 12.56
C VAL E 233 19.20 1.07 12.22
N GLY E 234 20.49 1.41 12.36
CA GLY E 234 21.54 0.55 11.90
C GLY E 234 22.85 0.70 12.68
N THR E 235 23.71 -0.25 12.39
CA THR E 235 25.02 -0.32 13.00
C THR E 235 26.03 -0.15 11.90
N ARG E 236 27.12 0.51 12.27
CA ARG E 236 28.15 0.80 11.28
C ARG E 236 28.75 -0.47 10.70
N LEU E 237 28.98 -0.49 9.40
CA LEU E 237 29.66 -1.61 8.75
C LEU E 237 31.02 -1.09 8.31
N PRO E 238 32.03 -1.33 9.12
CA PRO E 238 33.39 -1.03 8.70
C PRO E 238 33.76 -1.86 7.44
N MET E 239 34.48 -1.24 6.52
CA MET E 239 34.84 -1.89 5.30
C MET E 239 35.70 -3.14 5.55
N GLU E 240 36.37 -3.20 6.70
CA GLU E 240 37.11 -4.40 7.11
C GLU E 240 36.25 -5.52 7.53
N ASN E 241 34.96 -5.25 7.74
CA ASN E 241 34.00 -6.32 8.05
C ASN E 241 33.09 -6.74 6.89
N VAL E 242 33.23 -6.11 5.74
CA VAL E 242 32.41 -6.44 4.57
C VAL E 242 32.58 -7.86 4.11
N SER E 243 33.82 -8.34 3.98
CA SER E 243 34.03 -9.70 3.59
C SER E 243 33.40 -10.73 4.53
N SER E 244 33.50 -10.50 5.82
CA SER E 244 32.89 -11.40 6.79
C SER E 244 31.36 -11.33 6.78
N PHE E 245 30.83 -10.13 6.65
CA PHE E 245 29.36 -9.99 6.62
C PHE E 245 28.72 -10.77 5.45
N PHE E 246 29.36 -10.67 4.29
CA PHE E 246 28.87 -11.31 3.11
C PHE E 246 29.37 -12.72 2.94
N HIS E 247 30.17 -13.20 3.89
CA HIS E 247 30.72 -14.55 3.80
C HIS E 247 29.65 -15.60 3.97
N VAL E 248 29.51 -16.49 3.00
CA VAL E 248 28.68 -17.66 3.13
C VAL E 248 29.46 -18.85 2.49
MG MG F . 15.28 -13.37 3.12
O22 P33 G . 1.44 1.85 26.26
C21 P33 G . 2.72 2.47 26.12
C20 P33 G . 3.36 2.67 27.49
O19 P33 G . 2.87 1.63 28.36
C18 P33 G . 3.61 1.65 29.59
C17 P33 G . 3.20 0.48 30.44
O16 P33 G . 1.78 0.34 30.58
C15 P33 G . 1.66 -0.60 31.68
C14 P33 G . 0.26 -0.75 32.17
O13 P33 G . -0.36 -1.30 31.03
C12 P33 G . -1.76 -1.38 31.27
C11 P33 G . -2.45 -2.49 30.49
O10 P33 G . -2.10 -3.83 30.94
C9 P33 G . -2.22 -5.20 30.19
C8 P33 G . -2.15 -6.22 31.46
O7 P33 G . -1.79 -7.59 31.79
C6 P33 G . -1.99 -7.94 33.26
C5 P33 G . -1.43 -6.98 34.29
O4 P33 G . -1.41 -7.45 35.69
C3 P33 G . -0.95 -6.42 36.61
C2 P33 G . 0.59 -6.32 36.50
O1 P33 G . 1.32 -7.35 37.24
MG MG H . 1.95 -20.24 0.07
O22 P33 I . -21.33 -5.17 14.26
C21 P33 I . -20.67 -6.08 15.16
C20 P33 I . -21.51 -6.33 16.37
O19 P33 I . -22.43 -7.33 15.93
C18 P33 I . -23.34 -7.61 17.01
C17 P33 I . -24.32 -8.60 16.48
O16 P33 I . -25.13 -7.97 15.44
C15 P33 I . -26.24 -8.88 15.25
C14 P33 I . -27.37 -8.13 14.59
O13 P33 I . -26.88 -7.53 13.35
C12 P33 I . -27.88 -6.73 12.69
C11 P33 I . -27.75 -6.86 11.19
O10 P33 I . -28.17 -8.15 10.77
C9 P33 I . -27.99 -8.74 9.35
C8 P33 I . -29.28 -9.64 9.07
O7 P33 I . -29.58 -11.01 8.65
C6 P33 I . -30.96 -11.53 8.83
C5 P33 I . -31.51 -11.40 10.24
O4 P33 I . -32.85 -11.92 10.54
C3 P33 I . -33.13 -11.62 11.94
C2 P33 I . -32.46 -12.72 12.77
O1 P33 I . -32.98 -14.05 12.48
MG MG J . 6.41 -4.77 -18.72
O22 P33 K . -2.27 24.08 -10.49
C21 P33 K . -3.10 23.45 -11.46
C20 P33 K . -3.54 24.44 -12.51
O19 P33 K . -2.40 25.25 -12.87
C18 P33 K . -2.86 26.33 -13.70
C17 P33 K . -1.77 27.13 -14.41
O16 P33 K . -0.90 27.72 -13.43
C15 P33 K . 0.17 28.40 -14.12
C14 P33 K . 0.91 29.29 -13.11
O13 P33 K . 1.56 28.49 -12.09
C12 P33 K . 2.23 29.35 -11.09
C11 P33 K . 3.49 28.70 -10.49
O10 P33 K . 4.30 28.54 -11.67
C9 P33 K . 5.71 27.91 -11.81
C8 P33 K . 6.67 28.95 -12.55
O7 P33 K . 7.66 28.77 -13.58
C6 P33 K . 8.11 30.04 -14.13
C5 P33 K . 7.08 31.02 -14.54
O4 P33 K . 7.57 32.18 -15.23
C3 P33 K . 6.37 33.06 -15.48
C2 P33 K . 5.63 32.62 -16.73
O1 P33 K . 6.40 32.67 -17.96
MG MG L . -3.48 -14.79 -13.37
O22 P33 M . -23.48 8.32 -8.35
C21 P33 M . -24.01 7.03 -8.01
C20 P33 M . -25.54 7.08 -8.17
O19 P33 M . -25.88 7.39 -9.55
C18 P33 M . -27.28 7.57 -9.78
C17 P33 M . -27.48 7.81 -11.27
O16 P33 M . -27.10 9.14 -11.67
C15 P33 M . -27.67 9.46 -12.96
C14 P33 M . -27.39 10.92 -13.32
O13 P33 M . -25.98 11.02 -13.39
C12 P33 M . -25.54 12.42 -13.33
C11 P33 M . -24.32 12.72 -14.21
O10 P33 M . -24.34 12.11 -15.52
C9 P33 M . -23.19 12.06 -16.51
C8 P33 M . -23.90 12.22 -17.96
O7 P33 M . -23.89 11.73 -19.27
C6 P33 M . -24.87 12.41 -20.20
C5 P33 M . -26.31 12.32 -19.81
O4 P33 M . -27.21 13.10 -20.64
C3 P33 M . -28.57 13.08 -20.07
C2 P33 M . -29.08 11.65 -20.01
O1 P33 M . -29.35 11.05 -21.30
MG MG N . 18.03 -3.71 -8.53
O22 P33 O . 12.95 20.19 10.76
C21 P33 O . 13.40 20.59 9.45
C20 P33 O . 14.11 21.93 9.55
O19 P33 O . 15.23 21.67 10.46
C18 P33 O . 15.99 22.86 10.56
C17 P33 O . 17.25 22.61 11.33
O16 P33 O . 16.85 22.23 12.68
C15 P33 O . 18.05 22.32 13.47
C14 P33 O . 17.73 22.14 14.92
O13 P33 O . 17.16 20.87 15.21
C12 P33 O . 16.80 20.77 16.63
C11 P33 O . 16.69 19.36 17.12
O10 P33 O . 18.03 18.85 17.12
C9 P33 O . 18.46 17.46 17.29
C8 P33 O . 19.91 17.60 18.12
O7 P33 O . 21.30 17.25 18.04
C6 P33 O . 22.17 17.88 19.15
C5 P33 O . 22.49 19.33 18.94
O4 P33 O . 23.36 20.38 19.66
C3 P33 O . 23.80 21.58 18.62
C2 P33 O . 25.30 21.32 18.23
O1 P33 O . 26.11 22.37 17.61
#